data_5O4E
#
_entry.id   5O4E
#
_cell.length_a   89.499
_cell.length_b   130.345
_cell.length_c   139.168
_cell.angle_alpha   90.00
_cell.angle_beta   90.00
_cell.angle_gamma   90.00
#
_symmetry.space_group_name_H-M   'P 21 21 21'
#
loop_
_entity.id
_entity.type
_entity.pdbx_description
1 polymer 'Immunoglobulin gamma-1 heavy chain'
2 polymer 'Immunoglobulin gamma-1 heavy chain'
3 polymer 'Immunoglobulin gamma-1 heavy chain'
4 polymer 'Vascular endothelial growth factor A'
5 branched 2-acetamido-2-deoxy-beta-D-glucopyranose-(1-2)-alpha-D-mannopyranose-(1-3)-[2-acetamido-2-deoxy-beta-D-glucopyranose-(1-2)-alpha-D-mannopyranose-(1-6)]beta-D-mannopyranose-(1-4)-2-acetamido-2-deoxy-beta-D-glucopyranose-(1-4)-[alpha-L-fucopyranose-(1-6)]2-acetamido-2-deoxy-beta-D-glucopyranose
6 branched 2-acetamido-2-deoxy-beta-D-glucopyranose-(1-2)-alpha-D-mannopyranose
7 branched 2-acetamido-2-deoxy-beta-D-glucopyranose-(1-2)-alpha-D-mannopyranose-(1-6)-[alpha-D-mannopyranose-(1-3)]beta-D-mannopyranose-(1-4)-2-acetamido-2-deoxy-beta-D-glucopyranose-(1-4)-2-acetamido-2-deoxy-beta-D-glucopyranose
8 non-polymer (4S)-2-METHYL-2,4-PENTANEDIOL
9 non-polymer (4R)-2-METHYLPENTANE-2,4-DIOL
10 non-polymer 'CACODYLATE ION'
11 non-polymer 2-AMINO-2-HYDROXYMETHYL-PROPANE-1,3-DIOL
12 water water
#
loop_
_entity_poly.entity_id
_entity_poly.type
_entity_poly.pdbx_seq_one_letter_code
_entity_poly.pdbx_strand_id
1 'polypeptide(L)'
;TCPPCPAPELLGGPSVFLFPPKPKDTLMISRTPEVTCVVVDVSHEDPEVKFNWYVDGVEVHNAKTKPREEQYNSTYRVVS
VLTVLHQDWLNGKEYKCKVSNKALPAPIEKTISKAKGQPREPQVYVLPPSRDELTKNQVSLLCLVKGFYPSDIAVEWESN
GQPENNYLTWPPVLDSDGSFFLYSKLTVDKSRWQQGNVFSCSVMHEALHNHYTQKSLSLSPGK
;
A
2 'polypeptide(L)'
;TCPPCPAPELLGGPSVFLFPPKPKDTLMISRTPEVTCVVVDVSHEDPEVKFNWYVDGVEVHNAKTKPREEQYNSTYRVVS
VLTVLHQDWLNGKEYKCKVSNKALPAPIEKTISKAKGQPREPQVYVYPPSRDELRFYQVSLTCLVKGFYPSDIAVEWESN
GQPDIFPNGLNYKTTPPVLDSDGSFALVSKLTVPYPSWLMGTRFSCSVMHEALHNHYTQKHLEYQWPT
;
B,D
3 'polypeptide(L)'
;TCPPCPAPELLGGPSVFLFPPKPKDTLMISRTPEVTCVVVDVSHEDPEVKFNWYVDGVEVHNAKTKPREEQYNSTYRVVS
VLTVLHQDWLNGKEYKCKVSNKALPAPIEKTISKAKGQPREPQVYVLPPSRDELTKNQVSLLCLVKGFYPSDIAVEWESN
GQPENNYLTWPPVLDSDGSFFLYSKLTVDKSRWQQGNVFSCSVMHEALHNHYTQKSLSLSPG
;
C
4 'polypeptide(L)'
;MVVKFMDVYQRSYCHPIETLVDIFQEYPDEIEYIFKPSCVPLMRCGGCCNDEGLECVPTEESNITMQIMRIKPHQGQHIG
EMSFLQHNKCECRPKK
;
E,F
#
# COMPACT_ATOMS: atom_id res chain seq x y z
N GLY A 12 -9.19 -7.63 56.45
CA GLY A 12 -9.90 -8.73 55.85
C GLY A 12 -9.76 -10.02 56.65
N GLY A 13 -9.18 -11.04 56.02
CA GLY A 13 -8.97 -12.31 56.66
C GLY A 13 -7.85 -13.10 56.01
N PRO A 14 -7.93 -14.42 56.05
CA PRO A 14 -6.92 -15.25 55.37
C PRO A 14 -6.82 -14.90 53.89
N SER A 15 -5.61 -15.02 53.35
CA SER A 15 -5.35 -14.80 51.94
C SER A 15 -4.90 -16.10 51.29
N VAL A 16 -5.22 -16.24 50.01
CA VAL A 16 -4.93 -17.44 49.24
C VAL A 16 -4.07 -17.07 48.05
N PHE A 17 -3.07 -17.91 47.76
CA PHE A 17 -2.22 -17.74 46.59
C PHE A 17 -2.03 -19.09 45.92
N LEU A 18 -2.30 -19.14 44.62
CA LEU A 18 -2.27 -20.37 43.86
C LEU A 18 -1.10 -20.33 42.89
N PHE A 19 -0.18 -21.30 43.01
CA PHE A 19 1.05 -21.31 42.25
C PHE A 19 1.05 -22.41 41.20
N PRO A 20 1.63 -22.18 40.04
CA PRO A 20 1.62 -23.20 38.98
C PRO A 20 2.72 -24.22 39.18
N PRO A 21 2.75 -25.27 38.38
CA PRO A 21 3.84 -26.24 38.47
C PRO A 21 5.16 -25.65 38.01
N LYS A 22 6.25 -26.31 38.41
CA LYS A 22 7.56 -25.92 37.93
C LYS A 22 7.70 -26.29 36.45
N PRO A 23 8.26 -25.42 35.62
CA PRO A 23 8.37 -25.74 34.19
C PRO A 23 9.00 -27.09 33.92
N LYS A 24 10.08 -27.42 34.61
CA LYS A 24 10.75 -28.71 34.36
C LYS A 24 9.84 -29.88 34.69
N ASP A 25 8.93 -29.71 35.66
CA ASP A 25 8.06 -30.81 36.05
C ASP A 25 6.99 -31.09 35.00
N THR A 26 6.49 -30.05 34.32
CA THR A 26 5.49 -30.25 33.28
C THR A 26 6.07 -30.78 31.98
N LEU A 27 7.39 -30.70 31.81
CA LEU A 27 8.02 -31.01 30.53
C LEU A 27 8.70 -32.38 30.50
N MET A 28 9.22 -32.85 31.62
CA MET A 28 9.83 -34.17 31.69
C MET A 28 8.83 -35.16 32.28
N ILE A 29 8.59 -36.25 31.54
CA ILE A 29 7.60 -37.23 31.98
C ILE A 29 8.01 -37.86 33.30
N SER A 30 9.33 -38.00 33.54
CA SER A 30 9.79 -38.61 34.78
C SER A 30 9.35 -37.80 35.99
N ARG A 31 9.21 -36.49 35.86
CA ARG A 31 8.91 -35.62 36.97
C ARG A 31 7.40 -35.46 37.12
N THR A 32 7.00 -34.92 38.27
CA THR A 32 5.58 -34.78 38.62
C THR A 32 5.22 -33.30 38.69
N PRO A 33 4.37 -32.78 37.81
CA PRO A 33 3.88 -31.41 37.99
C PRO A 33 2.82 -31.34 39.06
N GLU A 34 2.82 -30.22 39.80
CA GLU A 34 1.85 -30.03 40.87
C GLU A 34 1.49 -28.56 40.99
N VAL A 35 0.22 -28.31 41.27
CA VAL A 35 -0.29 -26.99 41.60
C VAL A 35 -0.36 -26.87 43.11
N THR A 36 0.04 -25.71 43.63
CA THR A 36 0.18 -25.51 45.07
C THR A 36 -0.72 -24.38 45.52
N CYS A 37 -1.60 -24.66 46.48
CA CYS A 37 -2.53 -23.68 47.03
C CYS A 37 -2.08 -23.35 48.44
N VAL A 38 -1.62 -22.12 48.65
CA VAL A 38 -1.04 -21.67 49.91
C VAL A 38 -2.01 -20.70 50.57
N VAL A 39 -2.33 -20.96 51.83
CA VAL A 39 -3.21 -20.12 52.63
C VAL A 39 -2.38 -19.52 53.77
N VAL A 40 -2.39 -18.20 53.87
CA VAL A 40 -1.63 -17.50 54.90
C VAL A 40 -2.58 -16.70 55.78
N ASP A 41 -2.04 -16.05 56.80
CA ASP A 41 -2.83 -15.22 57.72
C ASP A 41 -4.00 -16.01 58.30
N VAL A 42 -3.70 -17.24 58.74
CA VAL A 42 -4.67 -18.06 59.45
C VAL A 42 -4.49 -17.82 60.94
N SER A 43 -5.59 -17.59 61.65
CA SER A 43 -5.52 -17.27 63.06
C SER A 43 -5.41 -18.53 63.90
N HIS A 44 -4.96 -18.36 65.14
CA HIS A 44 -4.98 -19.44 66.12
C HIS A 44 -6.37 -19.72 66.65
N GLU A 45 -7.33 -18.81 66.42
CA GLU A 45 -8.70 -19.02 66.86
C GLU A 45 -9.46 -19.94 65.91
N ASP A 46 -9.25 -19.77 64.60
CA ASP A 46 -9.91 -20.57 63.58
C ASP A 46 -8.85 -21.22 62.70
N PRO A 47 -8.18 -22.26 63.20
CA PRO A 47 -7.08 -22.88 62.45
C PRO A 47 -7.54 -23.91 61.42
N GLU A 48 -8.82 -24.23 61.35
CA GLU A 48 -9.29 -25.23 60.42
C GLU A 48 -9.30 -24.68 58.99
N VAL A 49 -8.90 -25.52 58.04
CA VAL A 49 -8.86 -25.16 56.63
C VAL A 49 -9.27 -26.39 55.82
N LYS A 50 -10.28 -26.24 54.98
CA LYS A 50 -10.68 -27.28 54.04
C LYS A 50 -10.39 -26.83 52.62
N PHE A 51 -9.87 -27.75 51.82
CA PHE A 51 -9.56 -27.49 50.41
C PHE A 51 -10.51 -28.29 49.53
N ASN A 52 -10.96 -27.67 48.44
CA ASN A 52 -11.67 -28.35 47.37
C ASN A 52 -11.00 -28.01 46.06
N TRP A 53 -10.59 -29.02 45.31
CA TRP A 53 -9.88 -28.84 44.05
C TRP A 53 -10.79 -29.21 42.89
N TYR A 54 -10.66 -28.47 41.78
CA TYR A 54 -11.48 -28.69 40.60
C TYR A 54 -10.62 -28.53 39.36
N VAL A 55 -10.85 -29.40 38.37
CA VAL A 55 -10.19 -29.34 37.08
C VAL A 55 -11.29 -29.11 36.04
N ASP A 56 -11.32 -27.91 35.47
CA ASP A 56 -12.39 -27.51 34.55
C ASP A 56 -13.76 -27.69 35.19
N GLY A 57 -13.84 -27.41 36.49
CA GLY A 57 -15.08 -27.48 37.23
C GLY A 57 -15.36 -28.82 37.89
N VAL A 58 -14.75 -29.89 37.40
CA VAL A 58 -14.97 -31.22 37.97
C VAL A 58 -14.04 -31.40 39.16
N GLU A 59 -14.59 -31.90 40.27
CA GLU A 59 -13.83 -32.01 41.50
C GLU A 59 -12.90 -33.22 41.47
N VAL A 60 -11.69 -33.02 41.99
CA VAL A 60 -10.71 -34.09 42.15
C VAL A 60 -10.45 -34.28 43.63
N HIS A 61 -9.84 -35.42 43.98
CA HIS A 61 -9.68 -35.78 45.38
C HIS A 61 -8.30 -36.33 45.70
N ASN A 62 -7.30 -36.11 44.85
CA ASN A 62 -5.95 -36.63 45.09
C ASN A 62 -5.05 -35.62 45.78
N ALA A 63 -5.59 -34.49 46.23
CA ALA A 63 -4.76 -33.45 46.84
C ALA A 63 -4.20 -33.94 48.18
N LYS A 64 -3.12 -33.29 48.60
CA LYS A 64 -2.44 -33.62 49.85
C LYS A 64 -2.16 -32.33 50.61
N THR A 65 -2.67 -32.23 51.83
CA THR A 65 -2.42 -31.09 52.69
C THR A 65 -1.15 -31.33 53.51
N LYS A 66 -0.26 -30.34 53.49
CA LYS A 66 0.97 -30.43 54.26
C LYS A 66 0.70 -30.10 55.73
N PRO A 67 1.57 -30.54 56.63
CA PRO A 67 1.39 -30.19 58.05
C PRO A 67 1.38 -28.68 58.26
N ARG A 68 0.47 -28.23 59.13
CA ARG A 68 0.37 -26.82 59.46
C ARG A 68 1.72 -26.28 59.93
N GLU A 69 2.04 -25.05 59.51
CA GLU A 69 3.32 -24.43 59.81
C GLU A 69 3.07 -23.09 60.51
N GLU A 70 3.47 -23.01 61.78
CA GLU A 70 3.31 -21.76 62.53
C GLU A 70 4.36 -20.75 62.08
N GLN A 71 3.91 -19.52 61.85
CA GLN A 71 4.78 -18.46 61.37
C GLN A 71 5.20 -17.55 62.54
N TYR A 72 6.07 -16.59 62.23
CA TYR A 72 6.60 -15.72 63.28
C TYR A 72 5.62 -14.64 63.69
N ASN A 73 4.72 -14.22 62.80
CA ASN A 73 3.70 -13.23 63.14
C ASN A 73 2.47 -13.87 63.78
N SER A 74 2.64 -15.00 64.45
CA SER A 74 1.56 -15.65 65.20
C SER A 74 0.36 -15.96 64.30
N THR A 75 0.64 -16.48 63.11
CA THR A 75 -0.37 -16.99 62.21
C THR A 75 0.08 -18.35 61.68
N TYR A 76 -0.83 -19.06 61.02
CA TYR A 76 -0.54 -20.36 60.46
C TYR A 76 -0.49 -20.27 58.94
N ARG A 77 0.26 -21.20 58.34
CA ARG A 77 0.42 -21.31 56.90
C ARG A 77 0.03 -22.73 56.51
N VAL A 78 -1.06 -22.88 55.78
CA VAL A 78 -1.59 -24.18 55.37
C VAL A 78 -1.44 -24.30 53.86
N VAL A 79 -0.89 -25.42 53.41
CA VAL A 79 -0.60 -25.64 52.00
C VAL A 79 -1.27 -26.93 51.56
N SER A 80 -1.85 -26.89 50.36
CA SER A 80 -2.41 -28.07 49.72
C SER A 80 -1.77 -28.22 48.34
N VAL A 81 -1.26 -29.40 48.04
CA VAL A 81 -0.56 -29.68 46.80
C VAL A 81 -1.37 -30.68 45.99
N LEU A 82 -1.67 -30.33 44.74
CA LEU A 82 -2.42 -31.18 43.84
C LEU A 82 -1.51 -31.64 42.71
N THR A 83 -1.33 -32.95 42.60
CA THR A 83 -0.63 -33.51 41.44
C THR A 83 -1.53 -33.42 40.22
N VAL A 84 -0.96 -32.98 39.09
CA VAL A 84 -1.69 -32.82 37.85
C VAL A 84 -1.00 -33.65 36.77
N LEU A 85 -1.70 -33.82 35.65
CA LEU A 85 -1.15 -34.51 34.50
C LEU A 85 -0.40 -33.53 33.61
N HIS A 86 0.68 -34.00 33.00
CA HIS A 86 1.48 -33.13 32.13
C HIS A 86 0.64 -32.58 31.00
N GLN A 87 -0.06 -33.46 30.29
CA GLN A 87 -0.83 -33.03 29.11
C GLN A 87 -1.99 -32.12 29.51
N ASP A 88 -2.61 -32.38 30.67
CA ASP A 88 -3.71 -31.54 31.12
C ASP A 88 -3.25 -30.09 31.29
N TRP A 89 -2.12 -29.90 31.97
CA TRP A 89 -1.62 -28.54 32.17
C TRP A 89 -1.24 -27.90 30.84
N LEU A 90 -0.51 -28.63 29.99
CA LEU A 90 -0.08 -28.09 28.72
C LEU A 90 -1.24 -27.88 27.75
N ASN A 91 -2.36 -28.56 27.96
CA ASN A 91 -3.54 -28.38 27.13
C ASN A 91 -4.45 -27.26 27.62
N GLY A 92 -4.08 -26.58 28.70
CA GLY A 92 -4.78 -25.39 29.14
C GLY A 92 -5.90 -25.61 30.13
N LYS A 93 -6.03 -26.82 30.69
CA LYS A 93 -7.06 -27.05 31.69
C LYS A 93 -6.89 -26.09 32.86
N GLU A 94 -8.01 -25.72 33.47
CA GLU A 94 -8.04 -24.72 34.54
C GLU A 94 -8.14 -25.42 35.89
N TYR A 95 -7.24 -25.07 36.79
CA TYR A 95 -7.18 -25.67 38.12
C TYR A 95 -7.65 -24.65 39.14
N LYS A 96 -8.62 -25.06 39.97
CA LYS A 96 -9.27 -24.18 40.92
C LYS A 96 -9.06 -24.71 42.33
N CYS A 97 -8.69 -23.82 43.24
CA CYS A 97 -8.56 -24.13 44.66
C CYS A 97 -9.62 -23.36 45.42
N LYS A 98 -10.48 -24.07 46.15
CA LYS A 98 -11.49 -23.46 46.99
C LYS A 98 -11.07 -23.64 48.44
N VAL A 99 -10.95 -22.54 49.17
CA VAL A 99 -10.51 -22.55 50.56
C VAL A 99 -11.66 -22.06 51.42
N SER A 100 -12.01 -22.84 52.44
CA SER A 100 -13.08 -22.51 53.36
C SER A 100 -12.52 -22.46 54.77
N ASN A 101 -12.82 -21.36 55.49
CA ASN A 101 -12.35 -21.17 56.84
C ASN A 101 -13.40 -20.37 57.60
N LYS A 102 -13.62 -20.74 58.87
CA LYS A 102 -14.67 -20.12 59.66
C LYS A 102 -14.48 -18.61 59.82
N ALA A 103 -13.27 -18.11 59.59
CA ALA A 103 -13.04 -16.67 59.66
C ALA A 103 -13.43 -15.93 58.39
N LEU A 104 -13.80 -16.64 57.34
CA LEU A 104 -14.16 -16.01 56.07
C LEU A 104 -15.67 -15.91 55.93
N PRO A 105 -16.19 -14.81 55.38
CA PRO A 105 -17.63 -14.78 55.07
C PRO A 105 -18.04 -15.90 54.12
N ALA A 106 -17.37 -15.99 52.97
CA ALA A 106 -17.57 -17.04 52.00
C ALA A 106 -16.22 -17.61 51.60
N PRO A 107 -16.19 -18.82 51.05
CA PRO A 107 -14.91 -19.41 50.65
C PRO A 107 -14.23 -18.57 49.59
N ILE A 108 -12.90 -18.61 49.59
CA ILE A 108 -12.09 -17.94 48.59
C ILE A 108 -11.78 -18.94 47.48
N GLU A 109 -11.90 -18.49 46.23
CA GLU A 109 -11.63 -19.32 45.07
C GLU A 109 -10.55 -18.66 44.22
N LYS A 110 -9.52 -19.44 43.88
CA LYS A 110 -8.44 -18.99 43.01
C LYS A 110 -8.28 -19.99 41.89
N THR A 111 -7.97 -19.49 40.69
CA THR A 111 -7.78 -20.33 39.52
C THR A 111 -6.43 -20.04 38.91
N ILE A 112 -5.88 -21.04 38.21
CA ILE A 112 -4.63 -20.89 37.49
C ILE A 112 -4.62 -21.85 36.31
N SER A 113 -3.91 -21.46 35.27
CA SER A 113 -3.79 -22.28 34.06
C SER A 113 -2.63 -21.76 33.24
N LYS A 114 -2.16 -22.60 32.32
CA LYS A 114 -1.09 -22.18 31.43
C LYS A 114 -1.51 -20.97 30.63
N ALA A 115 -0.55 -20.08 30.37
CA ALA A 115 -0.83 -18.91 29.58
C ALA A 115 -1.31 -19.30 28.18
N LYS A 116 -2.30 -18.57 27.69
CA LYS A 116 -2.88 -18.87 26.38
C LYS A 116 -2.13 -18.13 25.29
N GLY A 117 -2.11 -18.73 24.10
CA GLY A 117 -1.42 -18.14 22.97
C GLY A 117 -0.53 -19.13 22.24
N GLN A 118 -0.22 -18.84 20.98
CA GLN A 118 0.62 -19.70 20.17
C GLN A 118 2.00 -19.87 20.80
N PRO A 119 2.38 -21.07 21.22
CA PRO A 119 3.75 -21.26 21.72
C PRO A 119 4.78 -21.00 20.63
N ARG A 120 5.91 -20.44 21.03
CA ARG A 120 7.01 -20.14 20.12
C ARG A 120 8.28 -20.82 20.60
N GLU A 121 9.00 -21.41 19.65
CA GLU A 121 10.21 -22.15 19.98
C GLU A 121 11.34 -21.18 20.33
N PRO A 122 12.08 -21.42 21.42
CA PRO A 122 13.24 -20.58 21.71
C PRO A 122 14.43 -20.91 20.82
N GLN A 123 15.24 -19.89 20.57
CA GLN A 123 16.57 -20.08 20.01
C GLN A 123 17.59 -19.83 21.11
N VAL A 124 18.56 -20.74 21.22
CA VAL A 124 19.55 -20.70 22.28
C VAL A 124 20.88 -20.31 21.66
N TYR A 125 21.55 -19.33 22.28
CA TYR A 125 22.87 -18.88 21.83
C TYR A 125 23.79 -18.82 23.05
N VAL A 126 25.00 -19.33 22.89
CA VAL A 126 26.03 -19.30 23.93
C VAL A 126 27.11 -18.32 23.51
N LEU A 127 27.47 -17.42 24.43
CA LEU A 127 28.42 -16.36 24.14
C LEU A 127 29.70 -16.58 24.93
N PRO A 128 30.86 -16.64 24.30
CA PRO A 128 32.11 -16.81 25.06
C PRO A 128 32.45 -15.54 25.81
N PRO A 129 33.32 -15.62 26.82
CA PRO A 129 33.64 -14.43 27.60
C PRO A 129 34.37 -13.39 26.76
N SER A 130 34.18 -12.13 27.13
CA SER A 130 34.84 -11.04 26.42
C SER A 130 36.32 -11.00 26.76
N ARG A 131 37.10 -10.41 25.87
CA ARG A 131 38.54 -10.31 26.09
C ARG A 131 38.85 -9.50 27.34
N ASP A 132 38.05 -8.48 27.65
CA ASP A 132 38.30 -7.65 28.82
C ASP A 132 38.30 -8.48 30.09
N GLU A 133 37.39 -9.43 30.21
CA GLU A 133 37.27 -10.23 31.42
C GLU A 133 38.35 -11.29 31.55
N LEU A 134 39.15 -11.51 30.50
CA LEU A 134 40.23 -12.49 30.57
C LEU A 134 41.40 -12.04 31.42
N THR A 135 41.32 -10.87 32.05
CA THR A 135 42.31 -10.43 33.02
C THR A 135 41.92 -10.80 34.44
N LYS A 136 40.77 -11.45 34.63
CA LYS A 136 40.22 -11.76 35.93
C LYS A 136 40.43 -13.24 36.26
N ASN A 137 40.24 -13.57 37.53
CA ASN A 137 40.35 -14.96 37.96
C ASN A 137 39.19 -15.81 37.47
N GLN A 138 38.05 -15.20 37.15
CA GLN A 138 36.88 -15.92 36.70
C GLN A 138 36.26 -15.20 35.52
N VAL A 139 35.68 -15.98 34.61
CA VAL A 139 35.04 -15.44 33.41
C VAL A 139 33.57 -15.80 33.43
N SER A 140 32.78 -15.08 32.62
CA SER A 140 31.33 -15.21 32.59
C SER A 140 30.91 -15.73 31.22
N LEU A 141 30.40 -16.96 31.19
CA LEU A 141 29.79 -17.51 30.00
C LEU A 141 28.28 -17.23 30.03
N LEU A 142 27.74 -16.80 28.91
CA LEU A 142 26.34 -16.38 28.84
C LEU A 142 25.57 -17.29 27.89
N CYS A 143 24.34 -17.59 28.28
CA CYS A 143 23.40 -18.34 27.44
C CYS A 143 22.19 -17.45 27.18
N LEU A 144 21.98 -17.09 25.93
CA LEU A 144 20.87 -16.21 25.54
C LEU A 144 19.75 -17.06 24.97
N VAL A 145 18.56 -16.95 25.54
CA VAL A 145 17.37 -17.65 25.09
C VAL A 145 16.32 -16.60 24.77
N LYS A 146 15.90 -16.52 23.51
CA LYS A 146 14.97 -15.49 23.09
C LYS A 146 13.91 -16.09 22.17
N GLY A 147 12.80 -15.37 22.03
CA GLY A 147 11.77 -15.72 21.09
C GLY A 147 10.83 -16.84 21.49
N PHE A 148 10.67 -17.10 22.78
CA PHE A 148 9.82 -18.20 23.22
C PHE A 148 8.53 -17.69 23.86
N TYR A 149 7.54 -18.59 23.89
CA TYR A 149 6.25 -18.34 24.49
C TYR A 149 5.60 -19.69 24.77
N PRO A 150 4.95 -19.88 25.92
CA PRO A 150 4.84 -18.93 27.04
C PRO A 150 6.16 -18.79 27.78
N SER A 151 6.17 -18.00 28.87
CA SER A 151 7.40 -17.72 29.60
C SER A 151 7.89 -18.90 30.42
N ASP A 152 7.13 -19.99 30.50
CA ASP A 152 7.55 -21.14 31.31
C ASP A 152 8.74 -21.82 30.63
N ILE A 153 9.86 -21.91 31.36
CA ILE A 153 11.10 -22.40 30.77
C ILE A 153 12.06 -22.77 31.90
N ALA A 154 13.01 -23.65 31.59
CA ALA A 154 14.03 -24.07 32.54
C ALA A 154 15.39 -24.07 31.87
N VAL A 155 16.42 -23.72 32.64
CA VAL A 155 17.77 -23.58 32.11
C VAL A 155 18.76 -24.21 33.10
N GLU A 156 19.72 -24.96 32.56
CA GLU A 156 20.77 -25.57 33.36
C GLU A 156 22.09 -25.49 32.61
N TRP A 157 23.19 -25.71 33.33
CA TRP A 157 24.53 -25.74 32.75
C TRP A 157 25.20 -27.06 33.08
N GLU A 158 26.06 -27.51 32.17
N GLU A 158 26.10 -27.48 32.19
CA GLU A 158 26.79 -28.75 32.36
CA GLU A 158 26.76 -28.76 32.28
C GLU A 158 28.20 -28.59 31.78
C GLU A 158 28.18 -28.63 31.71
N SER A 159 29.08 -29.49 32.19
CA SER A 159 30.46 -29.48 31.72
C SER A 159 31.05 -30.87 31.92
N ASN A 160 31.51 -31.48 30.82
CA ASN A 160 32.10 -32.82 30.87
C ASN A 160 31.17 -33.80 31.57
N GLY A 161 29.88 -33.61 31.36
CA GLY A 161 28.86 -34.48 31.96
C GLY A 161 28.33 -33.98 33.29
N GLN A 162 29.22 -33.60 34.20
CA GLN A 162 28.79 -33.15 35.51
C GLN A 162 28.05 -31.81 35.40
N PRO A 163 26.93 -31.65 36.11
CA PRO A 163 26.25 -30.35 36.09
C PRO A 163 27.04 -29.30 36.85
N GLU A 164 26.87 -28.05 36.43
CA GLU A 164 27.49 -26.91 37.09
C GLU A 164 26.53 -26.37 38.16
N ASN A 165 27.11 -25.60 39.09
CA ASN A 165 26.36 -25.07 40.22
C ASN A 165 26.42 -23.56 40.32
N ASN A 166 27.55 -22.95 39.98
CA ASN A 166 27.74 -21.50 40.15
C ASN A 166 27.29 -20.79 38.86
N TYR A 167 25.98 -20.72 38.69
CA TYR A 167 25.40 -19.99 37.57
C TYR A 167 24.15 -19.26 38.05
N LEU A 168 23.87 -18.15 37.38
CA LEU A 168 22.73 -17.28 37.71
C LEU A 168 21.85 -17.15 36.48
N THR A 169 20.54 -17.32 36.66
CA THR A 169 19.57 -17.21 35.57
C THR A 169 18.57 -16.12 35.93
N TRP A 170 18.43 -15.13 35.05
CA TRP A 170 17.46 -14.08 35.24
C TRP A 170 16.07 -14.57 34.80
N PRO A 171 15.01 -14.00 35.35
CA PRO A 171 13.66 -14.37 34.91
C PRO A 171 13.36 -13.84 33.52
N PRO A 172 12.35 -14.37 32.84
CA PRO A 172 12.06 -13.92 31.47
C PRO A 172 11.70 -12.45 31.43
N VAL A 173 12.06 -11.82 30.31
CA VAL A 173 11.74 -10.43 30.04
C VAL A 173 10.87 -10.39 28.79
N LEU A 174 9.82 -9.58 28.81
CA LEU A 174 8.95 -9.43 27.66
C LEU A 174 9.67 -8.60 26.59
N ASP A 175 9.84 -9.19 25.41
CA ASP A 175 10.55 -8.53 24.33
C ASP A 175 9.58 -7.67 23.50
N SER A 176 10.14 -6.95 22.52
CA SER A 176 9.36 -5.99 21.77
C SER A 176 8.32 -6.63 20.85
N ASP A 177 8.47 -7.91 20.54
CA ASP A 177 7.57 -8.60 19.61
C ASP A 177 6.56 -9.49 20.33
N GLY A 178 6.44 -9.37 21.65
CA GLY A 178 5.51 -10.17 22.41
C GLY A 178 6.05 -11.49 22.90
N SER A 179 7.23 -11.89 22.45
CA SER A 179 7.89 -13.08 22.97
C SER A 179 8.75 -12.70 24.16
N PHE A 180 9.31 -13.73 24.81
CA PHE A 180 10.15 -13.54 25.97
C PHE A 180 11.60 -13.88 25.66
N PHE A 181 12.50 -13.38 26.51
CA PHE A 181 13.89 -13.78 26.45
C PHE A 181 14.47 -13.75 27.86
N LEU A 182 15.58 -14.46 28.04
CA LEU A 182 16.32 -14.41 29.28
C LEU A 182 17.80 -14.66 28.99
N TYR A 183 18.61 -14.43 30.02
CA TYR A 183 20.02 -14.79 30.02
C TYR A 183 20.30 -15.69 31.22
N SER A 184 21.25 -16.61 31.04
CA SER A 184 21.83 -17.37 32.15
C SER A 184 23.33 -17.17 32.10
N LYS A 185 23.92 -16.89 33.27
CA LYS A 185 25.35 -16.59 33.38
C LYS A 185 26.03 -17.69 34.18
N LEU A 186 27.02 -18.33 33.57
CA LEU A 186 27.82 -19.34 34.24
C LEU A 186 29.19 -18.75 34.57
N THR A 187 29.57 -18.81 35.84
CA THR A 187 30.87 -18.35 36.30
C THR A 187 31.81 -19.55 36.41
N VAL A 188 32.93 -19.49 35.71
CA VAL A 188 33.92 -20.55 35.73
C VAL A 188 35.29 -19.95 35.97
N ASP A 189 36.16 -20.72 36.63
CA ASP A 189 37.55 -20.31 36.77
C ASP A 189 38.18 -20.13 35.39
N LYS A 190 38.97 -19.08 35.23
CA LYS A 190 39.57 -18.82 33.92
C LYS A 190 40.42 -19.98 33.44
N SER A 191 41.08 -20.69 34.37
CA SER A 191 41.89 -21.83 33.97
C SER A 191 41.06 -22.91 33.30
N ARG A 192 39.87 -23.19 33.86
CA ARG A 192 39.01 -24.22 33.27
C ARG A 192 38.60 -23.84 31.86
N TRP A 193 38.28 -22.58 31.63
CA TRP A 193 37.94 -22.13 30.28
C TRP A 193 39.15 -22.24 29.36
N GLN A 194 40.27 -21.63 29.74
CA GLN A 194 41.46 -21.64 28.91
C GLN A 194 42.06 -23.04 28.75
N GLN A 195 41.66 -23.99 29.61
CA GLN A 195 42.11 -25.37 29.42
C GLN A 195 41.38 -26.07 28.29
N GLY A 196 40.29 -25.48 27.78
CA GLY A 196 39.57 -26.06 26.66
C GLY A 196 38.40 -26.93 27.02
N ASN A 197 37.94 -26.90 28.28
CA ASN A 197 36.77 -27.69 28.65
C ASN A 197 35.56 -27.25 27.86
N VAL A 198 34.61 -28.16 27.70
CA VAL A 198 33.37 -27.91 26.97
C VAL A 198 32.27 -27.63 27.98
N PHE A 199 31.62 -26.48 27.83
CA PHE A 199 30.51 -26.08 28.67
C PHE A 199 29.23 -26.05 27.84
N SER A 200 28.12 -26.46 28.44
CA SER A 200 26.87 -26.63 27.71
C SER A 200 25.72 -25.95 28.45
N CYS A 201 24.86 -25.30 27.68
CA CYS A 201 23.63 -24.70 28.19
C CYS A 201 22.46 -25.57 27.77
N SER A 202 21.70 -26.06 28.75
CA SER A 202 20.54 -26.90 28.51
C SER A 202 19.28 -26.09 28.78
N VAL A 203 18.38 -26.09 27.80
CA VAL A 203 17.11 -25.36 27.90
C VAL A 203 15.97 -26.34 27.71
N MET A 204 14.90 -26.15 28.48
CA MET A 204 13.71 -26.98 28.40
C MET A 204 12.49 -26.09 28.24
N HIS A 205 11.69 -26.34 27.20
CA HIS A 205 10.53 -25.51 26.91
C HIS A 205 9.52 -26.32 26.13
N GLU A 206 8.25 -25.94 26.25
CA GLU A 206 7.17 -26.69 25.61
C GLU A 206 7.40 -26.81 24.11
N ALA A 207 7.71 -25.70 23.45
CA ALA A 207 7.79 -25.64 22.00
C ALA A 207 9.07 -26.26 21.43
N LEU A 208 9.88 -26.92 22.25
CA LEU A 208 11.11 -27.53 21.77
C LEU A 208 10.88 -29.01 21.43
N HIS A 209 11.58 -29.46 20.40
CA HIS A 209 11.62 -30.89 20.08
C HIS A 209 12.03 -31.67 21.31
N ASN A 210 11.19 -32.61 21.73
CA ASN A 210 11.39 -33.36 22.96
C ASN A 210 11.54 -32.46 24.17
N HIS A 211 11.03 -31.22 24.08
CA HIS A 211 11.05 -30.27 25.18
C HIS A 211 12.47 -29.95 25.66
N TYR A 212 13.48 -30.21 24.83
CA TYR A 212 14.85 -30.10 25.28
C TYR A 212 15.77 -29.76 24.11
N THR A 213 16.66 -28.79 24.33
CA THR A 213 17.74 -28.50 23.42
C THR A 213 18.98 -28.17 24.24
N GLN A 214 20.14 -28.21 23.58
CA GLN A 214 21.42 -28.02 24.26
C GLN A 214 22.41 -27.41 23.29
N LYS A 215 23.15 -26.40 23.78
CA LYS A 215 24.19 -25.75 23.00
C LYS A 215 25.48 -25.72 23.82
N SER A 216 26.60 -25.96 23.14
CA SER A 216 27.90 -26.04 23.79
C SER A 216 28.87 -25.04 23.16
N LEU A 217 29.90 -24.68 23.93
CA LEU A 217 30.96 -23.82 23.45
C LEU A 217 32.24 -24.11 24.22
N SER A 218 33.37 -23.84 23.58
CA SER A 218 34.68 -24.03 24.20
C SER A 218 35.68 -23.17 23.46
N LEU A 219 36.81 -22.90 24.12
CA LEU A 219 37.87 -22.12 23.52
C LEU A 219 38.46 -22.87 22.33
N SER A 220 38.42 -22.24 21.16
CA SER A 220 38.92 -22.86 19.94
C SER A 220 38.88 -21.88 18.77
N GLY B 12 -13.53 0.06 52.14
CA GLY B 12 -12.10 -0.19 52.04
C GLY B 12 -11.28 1.04 52.41
N GLY B 13 -10.66 1.66 51.41
CA GLY B 13 -9.88 2.85 51.62
C GLY B 13 -8.77 3.00 50.59
N PRO B 14 -8.25 4.21 50.44
CA PRO B 14 -7.18 4.44 49.47
C PRO B 14 -5.85 3.87 49.96
N SER B 15 -5.00 3.53 48.99
CA SER B 15 -3.68 2.98 49.26
C SER B 15 -2.60 3.95 48.78
N VAL B 16 -1.40 3.80 49.33
CA VAL B 16 -0.29 4.69 49.05
C VAL B 16 0.90 3.89 48.55
N PHE B 17 1.66 4.49 47.64
CA PHE B 17 2.87 3.87 47.09
C PHE B 17 3.91 4.96 46.86
N LEU B 18 5.06 4.79 47.49
CA LEU B 18 6.12 5.80 47.47
C LEU B 18 7.30 5.25 46.66
N PHE B 19 7.63 5.94 45.57
CA PHE B 19 8.65 5.48 44.64
C PHE B 19 9.92 6.31 44.75
N PRO B 20 11.09 5.71 44.53
CA PRO B 20 12.34 6.46 44.66
C PRO B 20 12.66 7.22 43.38
N PRO B 21 13.69 8.06 43.40
CA PRO B 21 14.09 8.75 42.16
C PRO B 21 14.71 7.79 41.17
N LYS B 22 14.82 8.26 39.93
CA LYS B 22 15.46 7.46 38.89
C LYS B 22 16.97 7.48 39.10
N PRO B 23 17.64 6.32 39.08
CA PRO B 23 19.10 6.32 39.29
C PRO B 23 19.83 7.34 38.43
N LYS B 24 19.49 7.43 37.14
CA LYS B 24 20.15 8.40 36.28
C LYS B 24 19.99 9.82 36.81
N ASP B 25 18.86 10.12 37.47
CA ASP B 25 18.63 11.47 37.97
C ASP B 25 19.50 11.77 39.18
N THR B 26 19.69 10.78 40.07
CA THR B 26 20.48 11.01 41.26
C THR B 26 21.96 11.12 40.96
N LEU B 27 22.40 10.70 39.77
CA LEU B 27 23.81 10.64 39.43
C LEU B 27 24.26 11.72 38.46
N MET B 28 23.34 12.43 37.81
CA MET B 28 23.66 13.52 36.91
C MET B 28 23.19 14.83 37.53
N ILE B 29 24.12 15.77 37.74
CA ILE B 29 23.78 17.03 38.38
C ILE B 29 22.80 17.82 37.51
N SER B 30 22.91 17.70 36.20
CA SER B 30 21.99 18.40 35.30
C SER B 30 20.54 18.01 35.58
N ARG B 31 20.30 16.72 35.79
CA ARG B 31 18.96 16.21 36.03
C ARG B 31 18.52 16.47 37.47
N THR B 32 17.23 16.33 37.70
CA THR B 32 16.62 16.61 39.01
C THR B 32 15.95 15.35 39.54
N PRO B 33 16.48 14.69 40.55
CA PRO B 33 15.78 13.53 41.12
C PRO B 33 14.58 13.97 41.94
N GLU B 34 13.59 13.08 42.03
CA GLU B 34 12.36 13.38 42.74
C GLU B 34 11.79 12.09 43.30
N VAL B 35 11.18 12.20 44.48
CA VAL B 35 10.46 11.10 45.11
C VAL B 35 8.97 11.30 44.84
N THR B 36 8.30 10.24 44.40
CA THR B 36 6.92 10.31 43.98
C THR B 36 6.03 9.54 44.93
N CYS B 37 5.00 10.19 45.45
CA CYS B 37 4.02 9.60 46.35
C CYS B 37 2.71 9.45 45.59
N VAL B 38 2.32 8.22 45.30
CA VAL B 38 1.13 7.92 44.51
C VAL B 38 0.04 7.41 45.45
N VAL B 39 -1.18 7.94 45.29
CA VAL B 39 -2.33 7.52 46.09
C VAL B 39 -3.39 7.02 45.12
N VAL B 40 -3.85 5.79 45.33
CA VAL B 40 -4.83 5.15 44.47
C VAL B 40 -6.09 4.87 45.29
N ASP B 41 -7.13 4.43 44.59
CA ASP B 41 -8.43 4.11 45.20
C ASP B 41 -8.97 5.31 45.97
N VAL B 42 -8.96 6.47 45.31
CA VAL B 42 -9.51 7.70 45.86
C VAL B 42 -10.92 7.86 45.34
N SER B 43 -11.87 8.07 46.26
CA SER B 43 -13.27 8.11 45.88
C SER B 43 -13.64 9.47 45.29
N HIS B 44 -14.69 9.47 44.47
CA HIS B 44 -15.22 10.73 43.94
C HIS B 44 -15.89 11.55 45.04
N GLU B 45 -16.48 10.89 46.04
CA GLU B 45 -17.12 11.61 47.13
C GLU B 45 -16.11 12.43 47.91
N ASP B 46 -14.95 11.85 48.22
CA ASP B 46 -13.89 12.50 49.00
C ASP B 46 -12.61 12.47 48.17
N PRO B 47 -12.47 13.36 47.19
CA PRO B 47 -11.32 13.29 46.28
C PRO B 47 -10.10 14.07 46.72
N GLU B 48 -10.20 14.87 47.78
CA GLU B 48 -9.07 15.70 48.19
C GLU B 48 -8.08 14.88 49.03
N VAL B 49 -6.79 15.06 48.74
CA VAL B 49 -5.72 14.40 49.46
C VAL B 49 -4.72 15.45 49.90
N LYS B 50 -4.37 15.43 51.18
CA LYS B 50 -3.35 16.33 51.73
C LYS B 50 -2.05 15.57 51.90
N PHE B 51 -0.98 16.10 51.30
CA PHE B 51 0.34 15.48 51.38
C PHE B 51 1.21 16.27 52.36
N ASN B 52 1.89 15.54 53.25
CA ASN B 52 2.89 16.12 54.12
C ASN B 52 4.18 15.33 53.95
N TRP B 53 5.27 16.04 53.66
CA TRP B 53 6.57 15.42 53.40
C TRP B 53 7.53 15.71 54.54
N TYR B 54 8.37 14.73 54.85
CA TYR B 54 9.39 14.88 55.87
C TYR B 54 10.69 14.27 55.37
N VAL B 55 11.81 14.89 55.75
CA VAL B 55 13.14 14.41 55.39
C VAL B 55 13.92 14.24 56.69
N ASP B 56 14.22 12.99 57.03
CA ASP B 56 14.86 12.67 58.30
C ASP B 56 14.08 13.21 59.50
N GLY B 57 12.75 13.29 59.35
CA GLY B 57 11.87 13.70 60.42
C GLY B 57 11.35 15.11 60.30
N VAL B 58 12.11 16.02 59.69
CA VAL B 58 11.71 17.42 59.60
C VAL B 58 10.80 17.59 58.38
N GLU B 59 9.76 18.41 58.55
CA GLU B 59 8.83 18.65 57.46
C GLU B 59 9.39 19.64 56.46
N VAL B 60 8.98 19.49 55.20
CA VAL B 60 9.43 20.34 54.11
C VAL B 60 8.22 20.66 53.23
N HIS B 61 8.27 21.82 52.56
CA HIS B 61 7.10 22.37 51.88
C HIS B 61 7.38 22.72 50.43
N ASN B 62 8.37 22.07 49.80
CA ASN B 62 8.64 22.29 48.38
C ASN B 62 8.01 21.21 47.50
N ALA B 63 6.91 20.63 47.96
CA ALA B 63 6.26 19.53 47.24
C ALA B 63 5.46 20.07 46.07
N LYS B 64 5.44 19.30 44.98
CA LYS B 64 4.77 19.67 43.74
C LYS B 64 3.51 18.84 43.60
N THR B 65 2.36 19.49 43.48
CA THR B 65 1.08 18.80 43.39
C THR B 65 0.70 18.57 41.94
N LYS B 66 0.20 17.36 41.66
CA LYS B 66 -0.23 16.98 40.33
C LYS B 66 -1.76 16.94 40.26
N PRO B 67 -2.35 17.27 39.11
CA PRO B 67 -3.81 17.18 38.99
C PRO B 67 -4.27 15.74 39.03
N ARG B 68 -5.33 15.49 39.81
CA ARG B 68 -5.87 14.14 39.95
C ARG B 68 -6.18 13.55 38.58
N GLU B 69 -6.15 12.23 38.50
CA GLU B 69 -6.28 11.51 37.24
C GLU B 69 -7.41 10.50 37.36
N GLU B 70 -8.38 10.58 36.45
CA GLU B 70 -9.49 9.63 36.46
C GLU B 70 -9.02 8.27 35.96
N GLN B 71 -9.41 7.22 36.67
CA GLN B 71 -9.10 5.85 36.30
C GLN B 71 -10.35 5.15 35.78
N TYR B 72 -10.14 4.09 34.99
CA TYR B 72 -11.26 3.37 34.40
C TYR B 72 -12.17 2.79 35.46
N ASN B 73 -11.63 2.42 36.62
CA ASN B 73 -12.44 1.86 37.71
C ASN B 73 -13.11 2.94 38.56
N SER B 74 -13.42 4.09 37.96
CA SER B 74 -14.17 5.15 38.63
C SER B 74 -13.51 5.55 39.95
N THR B 75 -12.23 5.90 39.87
CA THR B 75 -11.48 6.33 41.03
C THR B 75 -10.33 7.20 40.57
N TYR B 76 -9.89 8.09 41.45
CA TYR B 76 -8.83 9.04 41.13
C TYR B 76 -7.46 8.47 41.51
N ARG B 77 -6.43 8.96 40.83
CA ARG B 77 -5.03 8.64 41.13
C ARG B 77 -4.34 9.96 41.44
N VAL B 78 -4.18 10.26 42.73
CA VAL B 78 -3.62 11.53 43.18
C VAL B 78 -2.14 11.33 43.46
N VAL B 79 -1.31 12.24 42.93
CA VAL B 79 0.14 12.11 43.01
C VAL B 79 0.72 13.39 43.59
N SER B 80 1.81 13.23 44.34
CA SER B 80 2.61 14.34 44.83
C SER B 80 4.08 14.03 44.57
N VAL B 81 4.82 15.04 44.14
CA VAL B 81 6.22 14.88 43.75
C VAL B 81 7.08 15.80 44.61
N LEU B 82 8.08 15.23 45.25
CA LEU B 82 9.04 15.99 46.05
C LEU B 82 10.41 15.88 45.39
N THR B 83 10.97 17.02 45.00
CA THR B 83 12.34 17.05 44.48
C THR B 83 13.32 16.96 45.63
N VAL B 84 14.47 16.33 45.36
CA VAL B 84 15.46 16.06 46.38
C VAL B 84 16.83 16.48 45.88
N LEU B 85 17.74 16.72 46.82
CA LEU B 85 19.12 17.01 46.49
C LEU B 85 19.89 15.72 46.26
N HIS B 86 20.73 15.72 45.23
CA HIS B 86 21.48 14.51 44.87
C HIS B 86 22.19 13.93 46.09
N GLN B 87 22.96 14.76 46.81
CA GLN B 87 23.72 14.28 47.95
C GLN B 87 22.82 13.76 49.06
N ASP B 88 21.63 14.35 49.23
CA ASP B 88 20.73 13.91 50.28
C ASP B 88 20.32 12.45 50.08
N TRP B 89 19.87 12.11 48.87
CA TRP B 89 19.47 10.73 48.60
C TRP B 89 20.66 9.78 48.71
N LEU B 90 21.80 10.16 48.12
CA LEU B 90 22.97 9.30 48.13
C LEU B 90 23.53 9.15 49.53
N ASN B 91 23.36 10.14 50.39
CA ASN B 91 23.83 10.06 51.77
C ASN B 91 22.92 9.25 52.68
N GLY B 92 21.81 8.72 52.15
CA GLY B 92 20.96 7.83 52.91
C GLY B 92 19.87 8.52 53.71
N LYS B 93 19.44 9.71 53.31
CA LYS B 93 18.37 10.39 54.01
C LYS B 93 17.03 9.67 53.76
N GLU B 94 16.17 9.71 54.76
CA GLU B 94 14.87 9.05 54.70
C GLU B 94 13.79 10.05 54.32
N TYR B 95 12.96 9.69 53.35
CA TYR B 95 11.89 10.53 52.85
C TYR B 95 10.56 9.87 53.19
N LYS B 96 9.70 10.60 53.90
CA LYS B 96 8.42 10.09 54.35
C LYS B 96 7.29 10.89 53.71
N CYS B 97 6.29 10.20 53.19
CA CYS B 97 5.09 10.81 52.63
C CYS B 97 3.92 10.48 53.56
N LYS B 98 3.30 11.51 54.12
CA LYS B 98 2.10 11.37 54.93
C LYS B 98 0.89 11.77 54.09
N VAL B 99 -0.14 10.94 54.10
CA VAL B 99 -1.31 11.11 53.26
C VAL B 99 -2.54 11.20 54.15
N SER B 100 -3.33 12.25 53.97
CA SER B 100 -4.57 12.45 54.71
C SER B 100 -5.73 12.53 53.73
N ASN B 101 -6.79 11.76 54.00
CA ASN B 101 -7.98 11.75 53.16
C ASN B 101 -9.20 11.57 54.05
N LYS B 102 -10.31 12.16 53.62
CA LYS B 102 -11.53 12.11 54.42
C LYS B 102 -11.97 10.67 54.69
N ALA B 103 -11.67 9.75 53.79
CA ALA B 103 -12.04 8.36 53.95
C ALA B 103 -11.05 7.57 54.80
N LEU B 104 -10.01 8.23 55.33
CA LEU B 104 -9.02 7.55 56.16
C LEU B 104 -9.20 7.99 57.60
N PRO B 105 -9.41 7.06 58.55
CA PRO B 105 -9.50 7.48 59.96
C PRO B 105 -8.18 7.98 60.51
N ALA B 106 -7.06 7.48 59.99
CA ALA B 106 -5.73 7.93 60.37
C ALA B 106 -4.92 8.07 59.10
N PRO B 107 -4.06 9.09 59.00
CA PRO B 107 -3.28 9.26 57.77
C PRO B 107 -2.31 8.10 57.55
N ILE B 108 -2.04 7.81 56.29
CA ILE B 108 -1.12 6.76 55.91
C ILE B 108 0.27 7.36 55.79
N GLU B 109 1.27 6.62 56.27
CA GLU B 109 2.68 7.02 56.17
C GLU B 109 3.45 5.98 55.38
N LYS B 110 4.38 6.45 54.56
CA LYS B 110 5.29 5.59 53.80
C LYS B 110 6.66 6.25 53.77
N THR B 111 7.69 5.43 53.95
CA THR B 111 9.06 5.92 53.95
C THR B 111 9.86 5.20 52.87
N ILE B 112 10.91 5.86 52.39
CA ILE B 112 11.80 5.29 51.40
C ILE B 112 13.18 5.92 51.55
N SER B 113 14.21 5.12 51.34
CA SER B 113 15.58 5.59 51.42
C SER B 113 16.47 4.66 50.61
N LYS B 114 17.64 5.16 50.23
CA LYS B 114 18.58 4.33 49.49
C LYS B 114 19.03 3.16 50.35
N ALA B 115 19.26 2.02 49.69
CA ALA B 115 19.74 0.85 50.40
C ALA B 115 21.09 1.13 51.03
N LYS B 116 21.23 0.76 52.31
CA LYS B 116 22.49 0.95 53.01
C LYS B 116 23.42 -0.21 52.70
N GLY B 117 24.70 0.10 52.59
CA GLY B 117 25.71 -0.90 52.27
C GLY B 117 26.85 -0.27 51.49
N GLN B 118 28.02 -0.87 51.64
CA GLN B 118 29.22 -0.37 50.98
C GLN B 118 29.01 -0.34 49.47
N PRO B 119 29.07 0.82 48.82
CA PRO B 119 28.95 0.85 47.37
C PRO B 119 30.06 0.02 46.72
N ARG B 120 29.71 -0.61 45.59
CA ARG B 120 30.62 -1.50 44.89
C ARG B 120 30.56 -1.17 43.40
N GLU B 121 31.72 -1.25 42.75
CA GLU B 121 31.86 -0.77 41.38
C GLU B 121 31.36 -1.82 40.40
N PRO B 122 30.54 -1.46 39.42
CA PRO B 122 30.14 -2.45 38.40
C PRO B 122 31.27 -2.76 37.44
N GLN B 123 31.34 -4.01 37.03
CA GLN B 123 32.14 -4.43 35.88
C GLN B 123 31.22 -4.54 34.67
N VAL B 124 31.67 -4.03 33.53
CA VAL B 124 30.86 -3.98 32.32
C VAL B 124 31.58 -4.74 31.22
N TYR B 125 30.88 -5.69 30.61
CA TYR B 125 31.42 -6.49 29.52
C TYR B 125 30.38 -6.57 28.40
N VAL B 126 30.85 -6.46 27.16
CA VAL B 126 29.99 -6.47 25.98
C VAL B 126 30.33 -7.69 25.15
N TYR B 127 29.29 -8.31 24.58
CA TYR B 127 29.43 -9.53 23.79
C TYR B 127 28.81 -9.31 22.42
N PRO B 128 29.47 -9.72 21.33
CA PRO B 128 28.86 -9.62 20.01
C PRO B 128 27.83 -10.73 19.81
N PRO B 129 27.12 -10.73 18.69
CA PRO B 129 26.14 -11.80 18.44
C PRO B 129 26.84 -13.14 18.30
N SER B 130 26.09 -14.20 18.61
CA SER B 130 26.51 -15.55 18.27
C SER B 130 26.37 -15.77 16.77
N ARG B 131 27.27 -16.59 16.22
CA ARG B 131 27.22 -16.86 14.79
C ARG B 131 25.93 -17.57 14.40
N ASP B 132 25.36 -18.36 15.30
CA ASP B 132 24.11 -19.06 15.02
C ASP B 132 22.97 -18.08 14.75
N GLU B 133 23.06 -16.86 15.25
CA GLU B 133 21.95 -15.91 15.15
C GLU B 133 21.87 -15.24 13.78
N LEU B 134 22.85 -15.48 12.89
CA LEU B 134 22.83 -14.85 11.59
C LEU B 134 21.67 -15.32 10.72
N ARG B 135 21.00 -16.41 11.09
CA ARG B 135 19.85 -16.89 10.34
C ARG B 135 18.66 -15.95 10.43
N PHE B 136 18.75 -14.88 11.22
CA PHE B 136 17.69 -13.90 11.36
C PHE B 136 18.19 -12.53 10.92
N TYR B 137 17.26 -11.68 10.48
CA TYR B 137 17.62 -10.33 10.04
C TYR B 137 18.08 -9.49 11.21
N GLN B 138 17.42 -9.61 12.36
CA GLN B 138 17.81 -8.87 13.55
C GLN B 138 18.78 -9.70 14.39
N VAL B 139 19.81 -9.05 14.91
CA VAL B 139 20.82 -9.71 15.72
C VAL B 139 20.88 -9.02 17.08
N SER B 140 21.51 -9.71 18.04
CA SER B 140 21.51 -9.29 19.43
C SER B 140 22.91 -8.91 19.88
N LEU B 141 23.04 -7.71 20.44
CA LEU B 141 24.24 -7.28 21.14
C LEU B 141 23.98 -7.30 22.63
N THR B 142 24.97 -7.73 23.41
CA THR B 142 24.78 -8.04 24.83
C THR B 142 25.72 -7.22 25.69
N CYS B 143 25.20 -6.73 26.81
CA CYS B 143 25.98 -5.97 27.78
C CYS B 143 25.76 -6.58 29.16
N LEU B 144 26.83 -7.10 29.76
CA LEU B 144 26.78 -7.68 31.09
C LEU B 144 27.32 -6.67 32.10
N VAL B 145 26.55 -6.42 33.14
CA VAL B 145 26.93 -5.50 34.21
C VAL B 145 26.77 -6.26 35.52
N LYS B 146 27.89 -6.50 36.21
CA LYS B 146 27.91 -7.33 37.39
C LYS B 146 28.76 -6.70 38.48
N GLY B 147 28.55 -7.16 39.71
CA GLY B 147 29.43 -6.81 40.81
C GLY B 147 29.15 -5.48 41.48
N PHE B 148 27.97 -4.90 41.28
CA PHE B 148 27.69 -3.57 41.78
C PHE B 148 26.73 -3.62 42.97
N TYR B 149 26.84 -2.59 43.82
CA TYR B 149 25.96 -2.39 44.96
C TYR B 149 25.95 -0.89 45.21
N PRO B 150 24.79 -0.28 45.52
CA PRO B 150 23.45 -0.88 45.59
C PRO B 150 22.87 -1.16 44.21
N SER B 151 21.61 -1.64 44.19
CA SER B 151 20.97 -2.02 42.93
C SER B 151 20.65 -0.82 42.05
N ASP B 152 20.67 0.40 42.60
CA ASP B 152 20.37 1.58 41.81
C ASP B 152 21.42 1.75 40.71
N ILE B 153 20.98 1.69 39.46
CA ILE B 153 21.89 1.74 38.32
C ILE B 153 21.09 2.15 37.09
N ALA B 154 21.78 2.69 36.09
CA ALA B 154 21.18 3.09 34.83
C ALA B 154 22.01 2.54 33.69
N VAL B 155 21.35 1.92 32.71
CA VAL B 155 22.01 1.28 31.58
C VAL B 155 21.33 1.73 30.30
N GLU B 156 22.09 2.30 29.37
CA GLU B 156 21.58 2.74 28.08
C GLU B 156 22.54 2.28 26.98
N TRP B 157 22.04 2.30 25.75
CA TRP B 157 22.84 2.01 24.57
C TRP B 157 22.91 3.24 23.68
N GLU B 158 24.08 3.45 23.07
CA GLU B 158 24.27 4.50 22.07
C GLU B 158 24.94 3.90 20.85
N SER B 159 24.82 4.61 19.74
CA SER B 159 25.49 4.24 18.50
C SER B 159 25.99 5.49 17.81
N ASN B 160 27.13 5.38 17.14
CA ASN B 160 27.62 6.45 16.28
C ASN B 160 26.85 6.55 14.98
N GLY B 161 25.86 5.68 14.77
CA GLY B 161 25.07 5.72 13.55
C GLY B 161 24.23 6.98 13.50
N GLN B 162 24.38 7.76 12.43
CA GLN B 162 23.58 8.96 12.22
C GLN B 162 22.10 8.62 12.33
N PRO B 163 21.23 9.61 12.56
CA PRO B 163 19.79 9.31 12.61
C PRO B 163 19.29 8.60 11.36
N ASP B 164 20.03 8.67 10.25
CA ASP B 164 19.64 7.93 9.05
C ASP B 164 19.57 6.43 9.32
N ILE B 165 20.35 5.94 10.27
CA ILE B 165 20.41 4.50 10.54
C ILE B 165 19.33 4.08 11.54
N PHE B 166 19.13 4.85 12.60
CA PHE B 166 18.16 4.54 13.64
C PHE B 166 17.28 5.76 13.89
N PRO B 167 16.41 6.11 12.94
CA PRO B 167 15.54 7.27 13.15
C PRO B 167 14.59 7.13 14.33
N ASN B 168 14.27 5.91 14.74
CA ASN B 168 13.37 5.68 15.86
C ASN B 168 14.10 5.30 17.14
N GLY B 169 15.41 5.54 17.20
CA GLY B 169 16.18 5.17 18.36
C GLY B 169 16.54 3.70 18.38
N LEU B 170 17.12 3.28 19.50
CA LEU B 170 17.60 1.91 19.66
C LEU B 170 16.61 1.09 20.46
N ASN B 171 16.42 -0.16 20.05
CA ASN B 171 15.50 -1.09 20.70
C ASN B 171 16.31 -2.02 21.60
N TYR B 172 16.43 -1.65 22.86
CA TYR B 172 17.09 -2.48 23.86
C TYR B 172 16.20 -2.66 25.07
N LYS B 173 16.36 -3.80 25.74
CA LYS B 173 15.67 -4.10 26.98
C LYS B 173 16.65 -4.74 27.95
N THR B 174 16.39 -4.55 29.24
CA THR B 174 17.33 -4.94 30.28
C THR B 174 16.62 -5.73 31.36
N THR B 175 17.30 -6.78 31.84
CA THR B 175 16.78 -7.52 32.98
C THR B 175 16.87 -6.66 34.25
N PRO B 176 15.88 -6.73 35.13
CA PRO B 176 16.05 -6.09 36.43
C PRO B 176 17.19 -6.71 37.18
N PRO B 177 17.92 -5.93 37.97
CA PRO B 177 19.07 -6.51 38.70
C PRO B 177 18.62 -7.52 39.74
N VAL B 178 19.38 -8.62 39.84
CA VAL B 178 19.15 -9.65 40.84
C VAL B 178 20.46 -9.90 41.57
N LEU B 179 20.33 -10.49 42.76
CA LEU B 179 21.49 -10.73 43.61
C LEU B 179 22.32 -11.88 43.06
N ASP B 180 23.63 -11.67 42.99
CA ASP B 180 24.55 -12.70 42.53
C ASP B 180 25.14 -13.44 43.74
N SER B 181 25.92 -14.48 43.44
CA SER B 181 26.41 -15.37 44.49
C SER B 181 27.32 -14.68 45.50
N ASP B 182 27.86 -13.51 45.16
CA ASP B 182 28.82 -12.83 46.02
C ASP B 182 28.22 -11.61 46.71
N GLY B 183 26.89 -11.52 46.78
CA GLY B 183 26.24 -10.42 47.44
C GLY B 183 26.10 -9.17 46.61
N SER B 184 26.55 -9.18 45.36
CA SER B 184 26.41 -8.05 44.47
C SER B 184 25.27 -8.29 43.47
N PHE B 185 24.87 -7.22 42.79
CA PHE B 185 23.82 -7.29 41.78
C PHE B 185 24.41 -7.44 40.39
N ALA B 186 23.64 -8.05 39.50
CA ALA B 186 24.07 -8.27 38.12
C ALA B 186 22.86 -8.25 37.21
N LEU B 187 23.07 -7.77 35.98
CA LEU B 187 21.99 -7.69 35.00
C LEU B 187 22.59 -7.88 33.61
N VAL B 188 21.70 -8.00 32.62
CA VAL B 188 22.08 -8.08 31.23
C VAL B 188 21.14 -7.20 30.41
N SER B 189 21.71 -6.44 29.49
CA SER B 189 20.97 -5.58 28.58
C SER B 189 21.15 -6.09 27.17
N LYS B 190 20.05 -6.32 26.45
CA LYS B 190 20.08 -6.85 25.10
C LYS B 190 19.66 -5.77 24.13
N LEU B 191 20.53 -5.48 23.17
CA LEU B 191 20.25 -4.53 22.10
C LEU B 191 20.02 -5.29 20.80
N THR B 192 18.87 -5.05 20.18
CA THR B 192 18.50 -5.72 18.94
C THR B 192 18.71 -4.76 17.78
N VAL B 193 19.54 -5.16 16.82
CA VAL B 193 19.84 -4.31 15.66
C VAL B 193 19.82 -5.15 14.40
N PRO B 194 19.47 -4.54 13.28
CA PRO B 194 19.55 -5.26 12.00
C PRO B 194 20.99 -5.64 11.69
N TYR B 195 21.16 -6.84 11.13
CA TYR B 195 22.49 -7.33 10.79
C TYR B 195 23.31 -6.36 9.95
N PRO B 196 22.79 -5.77 8.87
CA PRO B 196 23.62 -4.85 8.07
C PRO B 196 24.13 -3.65 8.86
N SER B 197 23.41 -3.22 9.91
CA SER B 197 23.93 -2.12 10.72
C SER B 197 25.13 -2.57 11.53
N TRP B 198 25.14 -3.84 11.94
CA TRP B 198 26.32 -4.41 12.58
C TRP B 198 27.43 -4.65 11.56
N LEU B 199 27.06 -5.15 10.38
CA LEU B 199 28.06 -5.49 9.37
C LEU B 199 28.80 -4.26 8.86
N MET B 200 28.11 -3.13 8.71
CA MET B 200 28.69 -1.95 8.09
C MET B 200 29.62 -1.18 9.02
N GLY B 201 29.92 -1.70 10.20
CA GLY B 201 30.89 -1.08 11.08
C GLY B 201 30.33 -0.08 12.06
N THR B 202 29.02 -0.05 12.26
CA THR B 202 28.45 0.84 13.27
C THR B 202 29.00 0.49 14.64
N ARG B 203 29.33 1.53 15.41
CA ARG B 203 29.91 1.37 16.74
C ARG B 203 28.81 1.54 17.78
N PHE B 204 28.53 0.47 18.53
CA PHE B 204 27.50 0.46 19.54
C PHE B 204 28.14 0.51 20.92
N SER B 205 27.55 1.30 21.82
CA SER B 205 28.13 1.58 23.12
C SER B 205 27.12 1.26 24.21
N CYS B 206 27.58 0.58 25.26
CA CYS B 206 26.78 0.31 26.45
C CYS B 206 27.23 1.29 27.54
N SER B 207 26.36 2.25 27.87
CA SER B 207 26.68 3.26 28.87
C SER B 207 26.03 2.88 30.19
N VAL B 208 26.83 2.87 31.25
CA VAL B 208 26.39 2.49 32.59
C VAL B 208 26.68 3.66 33.54
N MET B 209 25.69 3.98 34.37
CA MET B 209 25.82 5.05 35.36
C MET B 209 25.55 4.47 36.73
N HIS B 210 26.50 4.62 37.64
CA HIS B 210 26.40 4.06 38.99
C HIS B 210 27.25 4.92 39.92
N GLU B 211 26.81 5.01 41.18
CA GLU B 211 27.49 5.90 42.13
C GLU B 211 28.91 5.47 42.41
N ALA B 212 29.17 4.16 42.41
CA ALA B 212 30.51 3.64 42.70
C ALA B 212 31.47 3.76 41.53
N LEU B 213 31.05 4.38 40.42
CA LEU B 213 31.91 4.60 39.27
C LEU B 213 32.52 5.99 39.33
N HIS B 214 33.76 6.11 38.87
CA HIS B 214 34.39 7.42 38.74
C HIS B 214 33.59 8.27 37.77
N ASN B 215 33.23 9.47 38.20
CA ASN B 215 32.35 10.36 37.44
C ASN B 215 30.97 9.75 37.21
N HIS B 216 30.62 8.72 37.98
CA HIS B 216 29.31 8.07 37.89
C HIS B 216 29.02 7.52 36.50
N TYR B 217 30.05 7.25 35.70
CA TYR B 217 29.83 6.92 34.30
C TYR B 217 30.99 6.08 33.77
N THR B 218 30.64 5.08 32.96
CA THR B 218 31.61 4.31 32.19
C THR B 218 30.92 3.84 30.92
N GLN B 219 31.71 3.27 30.01
CA GLN B 219 31.19 2.88 28.71
C GLN B 219 32.05 1.77 28.12
N LYS B 220 31.39 0.83 27.44
CA LYS B 220 32.07 -0.19 26.65
C LYS B 220 31.54 -0.13 25.22
N HIS B 221 32.44 -0.31 24.26
CA HIS B 221 32.12 -0.16 22.84
C HIS B 221 32.19 -1.51 22.15
N LEU B 222 31.48 -1.60 21.01
CA LEU B 222 31.29 -2.87 20.32
C LEU B 222 31.10 -2.60 18.84
N GLU B 223 31.90 -3.26 18.00
CA GLU B 223 31.76 -3.13 16.56
C GLU B 223 32.28 -4.39 15.87
N TYR B 224 31.82 -4.59 14.64
CA TYR B 224 32.16 -5.79 13.87
C TYR B 224 33.67 -5.92 13.71
N GLN B 225 34.15 -7.16 13.73
CA GLN B 225 35.57 -7.47 13.65
C GLN B 225 35.84 -8.37 12.46
N TRP B 226 36.88 -8.03 11.68
CA TRP B 226 37.23 -8.79 10.48
C TRP B 226 38.52 -9.57 10.70
N PRO B 227 38.58 -10.85 10.31
CA PRO B 227 39.86 -11.57 10.36
C PRO B 227 40.90 -10.98 9.40
N VAL C 16 -13.88 38.45 -40.94
CA VAL C 16 -12.92 37.71 -41.76
C VAL C 16 -12.72 36.32 -41.16
N PHE C 17 -12.50 35.34 -42.02
CA PHE C 17 -12.29 33.95 -41.61
C PHE C 17 -10.96 33.47 -42.17
N LEU C 18 -9.97 33.32 -41.29
CA LEU C 18 -8.62 32.94 -41.68
C LEU C 18 -8.46 31.44 -41.51
N PHE C 19 -8.49 30.71 -42.63
CA PHE C 19 -8.37 29.26 -42.60
C PHE C 19 -6.91 28.83 -42.72
N PRO C 20 -6.49 27.80 -42.01
CA PRO C 20 -5.12 27.29 -42.17
C PRO C 20 -4.98 26.53 -43.46
N PRO C 21 -3.77 26.08 -43.81
CA PRO C 21 -3.62 25.26 -45.02
C PRO C 21 -4.25 23.88 -44.87
N LYS C 22 -4.25 23.11 -45.94
CA LYS C 22 -4.77 21.75 -45.87
C LYS C 22 -3.70 20.81 -45.35
N PRO C 23 -4.04 19.89 -44.43
CA PRO C 23 -3.00 19.01 -43.86
C PRO C 23 -2.17 18.30 -44.91
N LYS C 24 -2.80 17.84 -46.00
CA LYS C 24 -2.05 17.13 -47.04
C LYS C 24 -1.02 18.03 -47.69
N ASP C 25 -1.36 19.32 -47.90
CA ASP C 25 -0.43 20.24 -48.52
C ASP C 25 0.81 20.45 -47.66
N THR C 26 0.63 20.56 -46.34
CA THR C 26 1.75 20.85 -45.46
C THR C 26 2.67 19.65 -45.28
N LEU C 27 2.20 18.44 -45.59
CA LEU C 27 2.97 17.23 -45.35
C LEU C 27 3.69 16.71 -46.59
N MET C 28 3.27 17.13 -47.77
CA MET C 28 3.90 16.72 -49.02
C MET C 28 4.67 17.90 -49.61
N ILE C 29 5.91 17.65 -50.01
CA ILE C 29 6.74 18.73 -50.53
C ILE C 29 6.22 19.19 -51.89
N SER C 30 5.66 18.27 -52.69
CA SER C 30 5.21 18.62 -54.04
C SER C 30 4.07 19.62 -54.00
N ARG C 31 3.28 19.63 -52.94
CA ARG C 31 2.10 20.47 -52.85
C ARG C 31 2.43 21.81 -52.21
N THR C 32 1.52 22.76 -52.37
CA THR C 32 1.72 24.14 -51.92
C THR C 32 0.78 24.45 -50.77
N PRO C 33 1.26 24.47 -49.53
CA PRO C 33 0.39 24.88 -48.42
C PRO C 33 0.19 26.39 -48.42
N GLU C 34 -1.04 26.81 -48.13
CA GLU C 34 -1.41 28.22 -48.25
C GLU C 34 -2.50 28.55 -47.24
N VAL C 35 -2.34 29.68 -46.57
CA VAL C 35 -3.37 30.21 -45.69
C VAL C 35 -4.39 30.95 -46.53
N THR C 36 -5.65 30.90 -46.11
CA THR C 36 -6.76 31.50 -46.85
C THR C 36 -7.40 32.57 -45.97
N CYS C 37 -7.31 33.82 -46.40
CA CYS C 37 -7.83 34.97 -45.66
C CYS C 37 -9.17 35.39 -46.23
N VAL C 38 -10.17 34.53 -46.00
CA VAL C 38 -11.47 34.71 -46.61
C VAL C 38 -12.17 35.90 -46.00
N VAL C 39 -12.70 36.78 -46.84
CA VAL C 39 -13.52 37.89 -46.39
C VAL C 39 -14.90 37.80 -47.04
N LYS C 50 -7.41 45.98 -49.28
CA LYS C 50 -5.97 45.79 -49.33
C LYS C 50 -5.51 44.82 -48.26
N PHE C 51 -4.70 43.85 -48.64
CA PHE C 51 -4.26 42.79 -47.75
C PHE C 51 -2.82 43.03 -47.30
N ASN C 52 -2.52 42.60 -46.07
CA ASN C 52 -1.17 42.69 -45.52
C ASN C 52 -0.96 41.49 -44.59
N TRP C 53 0.06 40.68 -44.89
CA TRP C 53 0.36 39.49 -44.11
C TRP C 53 1.64 39.70 -43.33
N TYR C 54 1.65 39.24 -42.07
CA TYR C 54 2.81 39.37 -41.21
C TYR C 54 3.11 38.01 -40.59
N VAL C 55 4.28 37.45 -40.92
CA VAL C 55 4.72 36.17 -40.37
C VAL C 55 5.52 36.46 -39.11
N ASP C 56 4.92 36.19 -37.94
CA ASP C 56 5.58 36.43 -36.66
C ASP C 56 6.09 37.86 -36.56
N GLY C 57 5.41 38.79 -37.26
CA GLY C 57 5.82 40.17 -37.28
C GLY C 57 6.34 40.60 -38.64
N VAL C 58 7.32 39.87 -39.16
CA VAL C 58 7.88 40.18 -40.48
C VAL C 58 6.76 40.19 -41.50
N GLU C 59 6.71 41.26 -42.30
CA GLU C 59 5.71 41.39 -43.35
C GLU C 59 6.16 40.69 -44.62
N VAL C 60 5.20 40.17 -45.37
CA VAL C 60 5.46 39.47 -46.62
C VAL C 60 4.52 40.00 -47.69
N HIS C 61 4.98 39.95 -48.94
CA HIS C 61 4.18 40.41 -50.08
C HIS C 61 4.09 39.34 -51.16
N ASN C 62 4.39 38.08 -50.84
CA ASN C 62 4.19 36.98 -51.77
C ASN C 62 2.73 36.55 -51.86
N ALA C 63 1.82 37.31 -51.26
CA ALA C 63 0.41 36.95 -51.26
C ALA C 63 -0.21 37.22 -52.63
N LYS C 64 -1.46 36.79 -52.78
CA LYS C 64 -2.22 36.99 -54.00
C LYS C 64 -3.66 37.32 -53.62
N THR C 65 -4.43 37.79 -54.61
CA THR C 65 -5.83 38.12 -54.41
C THR C 65 -6.62 37.55 -55.58
N LYS C 66 -7.54 36.64 -55.27
CA LYS C 66 -8.33 35.99 -56.30
C LYS C 66 -9.43 36.93 -56.81
N PRO C 67 -9.99 36.65 -57.99
CA PRO C 67 -11.05 37.50 -58.53
C PRO C 67 -12.19 37.64 -57.54
N ARG C 68 -12.65 38.88 -57.35
CA ARG C 68 -13.75 39.14 -56.44
C ARG C 68 -15.03 38.49 -56.94
N GLU C 69 -15.68 37.73 -56.06
CA GLU C 69 -16.84 36.92 -56.42
C GLU C 69 -18.11 37.65 -55.99
N GLU C 70 -18.84 38.19 -56.96
CA GLU C 70 -20.09 38.89 -56.70
C GLU C 70 -21.10 37.93 -56.07
N VAL C 78 -14.12 38.02 -51.45
CA VAL C 78 -12.71 38.07 -51.84
C VAL C 78 -11.92 37.08 -51.00
N VAL C 79 -10.77 36.64 -51.54
CA VAL C 79 -9.90 35.70 -50.85
C VAL C 79 -8.45 36.09 -51.16
N SER C 80 -7.62 36.16 -50.12
CA SER C 80 -6.19 36.38 -50.26
C SER C 80 -5.47 35.11 -49.83
N VAL C 81 -4.68 34.55 -50.73
CA VAL C 81 -4.01 33.27 -50.52
C VAL C 81 -2.52 33.55 -50.31
N LEU C 82 -2.02 33.20 -49.13
CA LEU C 82 -0.60 33.38 -48.79
C LEU C 82 0.09 32.03 -48.88
N THR C 83 0.97 31.89 -49.87
CA THR C 83 1.81 30.71 -49.96
C THR C 83 2.78 30.68 -48.80
N VAL C 84 2.79 29.57 -48.06
CA VAL C 84 3.73 29.37 -46.97
C VAL C 84 4.60 28.16 -47.31
N LEU C 85 5.71 28.05 -46.60
CA LEU C 85 6.62 26.93 -46.75
C LEU C 85 6.36 25.90 -45.64
N HIS C 86 6.63 24.64 -45.95
CA HIS C 86 6.18 23.54 -45.11
C HIS C 86 6.72 23.66 -43.69
N GLN C 87 8.06 23.68 -43.55
CA GLN C 87 8.66 23.55 -42.22
C GLN C 87 8.24 24.69 -41.30
N ASP C 88 7.93 25.86 -41.83
CA ASP C 88 7.58 26.99 -40.98
C ASP C 88 6.21 26.82 -40.34
N TRP C 89 5.21 26.40 -41.12
CA TRP C 89 3.91 26.11 -40.54
C TRP C 89 4.00 24.96 -39.54
N LEU C 90 4.76 23.92 -39.89
CA LEU C 90 4.88 22.76 -39.00
C LEU C 90 5.70 23.09 -37.76
N ASN C 91 6.59 24.08 -37.84
CA ASN C 91 7.35 24.51 -36.68
C ASN C 91 6.60 25.52 -35.81
N GLY C 92 5.32 25.75 -36.10
CA GLY C 92 4.50 26.55 -35.21
C GLY C 92 4.58 28.05 -35.42
N LYS C 93 5.00 28.50 -36.59
CA LYS C 93 5.01 29.94 -36.86
C LYS C 93 3.59 30.48 -36.91
N GLU C 94 3.46 31.77 -36.57
CA GLU C 94 2.16 32.43 -36.51
C GLU C 94 1.98 33.31 -37.75
N TYR C 95 0.79 33.22 -38.35
CA TYR C 95 0.46 33.95 -39.56
C TYR C 95 -0.71 34.90 -39.28
N LYS C 96 -0.47 36.20 -39.46
CA LYS C 96 -1.49 37.21 -39.29
C LYS C 96 -1.96 37.70 -40.65
N CYS C 97 -3.28 37.89 -40.79
CA CYS C 97 -3.84 38.56 -41.95
C CYS C 97 -4.45 39.87 -41.49
N LYS C 98 -3.95 40.97 -42.05
CA LYS C 98 -4.40 42.32 -41.71
C LYS C 98 -4.88 42.97 -43.00
N VAL C 99 -6.21 43.08 -43.14
CA VAL C 99 -6.81 43.69 -44.33
C VAL C 99 -7.34 45.06 -43.95
N SER C 100 -7.30 45.97 -44.90
CA SER C 100 -7.79 47.34 -44.69
C SER C 100 -8.95 47.66 -45.63
N ILE C 108 -8.73 45.13 -39.59
CA ILE C 108 -8.98 43.97 -38.74
C ILE C 108 -7.78 43.04 -38.80
N GLU C 109 -7.35 42.54 -37.64
CA GLU C 109 -6.21 41.64 -37.55
C GLU C 109 -6.65 40.31 -36.95
N LYS C 110 -6.43 39.22 -37.70
CA LYS C 110 -6.70 37.88 -37.23
C LYS C 110 -5.50 37.00 -37.54
N THR C 111 -5.16 36.12 -36.59
CA THR C 111 -3.98 35.28 -36.70
C THR C 111 -4.37 33.82 -36.52
N ILE C 112 -3.56 32.93 -37.10
CA ILE C 112 -3.77 31.49 -36.99
C ILE C 112 -2.40 30.82 -37.03
N SER C 113 -2.29 29.70 -36.32
CA SER C 113 -1.07 28.93 -36.32
C SER C 113 -1.39 27.49 -35.90
N LYS C 114 -0.46 26.59 -36.16
CA LYS C 114 -0.65 25.20 -35.79
C LYS C 114 -0.86 25.07 -34.28
N ALA C 115 -1.63 24.06 -33.89
CA ALA C 115 -1.92 23.86 -32.49
C ALA C 115 -0.67 23.44 -31.73
N LYS C 116 -0.50 23.99 -30.53
CA LYS C 116 0.63 23.66 -29.68
C LYS C 116 0.29 22.45 -28.81
N GLY C 117 1.33 21.69 -28.46
CA GLY C 117 1.18 20.54 -27.60
C GLY C 117 1.94 19.33 -28.13
N GLN C 118 2.32 18.45 -27.21
CA GLN C 118 3.08 17.26 -27.55
C GLN C 118 2.36 16.47 -28.66
N PRO C 119 2.95 16.34 -29.84
CA PRO C 119 2.29 15.55 -30.89
C PRO C 119 2.27 14.07 -30.55
N ARG C 120 1.31 13.37 -31.16
CA ARG C 120 1.15 11.94 -30.94
C ARG C 120 0.94 11.24 -32.28
N GLU C 121 1.52 10.05 -32.41
CA GLU C 121 1.45 9.30 -33.65
C GLU C 121 0.09 8.60 -33.75
N PRO C 122 -0.60 8.70 -34.89
CA PRO C 122 -1.90 8.02 -35.02
C PRO C 122 -1.75 6.52 -35.16
N GLN C 123 -2.61 5.79 -34.46
CA GLN C 123 -2.81 4.37 -34.70
C GLN C 123 -3.92 4.20 -35.74
N VAL C 124 -3.70 3.30 -36.70
CA VAL C 124 -4.62 3.12 -37.81
C VAL C 124 -5.07 1.67 -37.85
N TYR C 125 -6.38 1.45 -37.83
CA TYR C 125 -6.98 0.13 -37.91
C TYR C 125 -8.09 0.13 -38.95
N VAL C 126 -8.22 -1.00 -39.66
CA VAL C 126 -9.26 -1.17 -40.66
C VAL C 126 -10.17 -2.31 -40.22
N LEU C 127 -11.48 -2.09 -40.34
CA LEU C 127 -12.48 -3.03 -39.84
C LEU C 127 -13.28 -3.56 -41.03
N PRO C 128 -13.35 -4.88 -41.24
CA PRO C 128 -14.07 -5.40 -42.40
C PRO C 128 -15.58 -5.33 -42.19
N PRO C 129 -16.36 -5.47 -43.26
CA PRO C 129 -17.82 -5.30 -43.13
C PRO C 129 -18.41 -6.26 -42.10
N SER C 130 -19.45 -5.78 -41.42
CA SER C 130 -20.15 -6.61 -40.46
C SER C 130 -20.99 -7.67 -41.18
N ARG C 131 -21.30 -8.74 -40.45
CA ARG C 131 -22.07 -9.83 -41.05
C ARG C 131 -23.44 -9.35 -41.50
N ASP C 132 -24.10 -8.52 -40.68
CA ASP C 132 -25.45 -8.07 -41.01
C ASP C 132 -25.45 -7.25 -42.30
N GLU C 133 -24.45 -6.38 -42.49
CA GLU C 133 -24.44 -5.53 -43.67
C GLU C 133 -24.22 -6.33 -44.95
N LEU C 134 -23.59 -7.50 -44.86
CA LEU C 134 -23.36 -8.33 -46.04
C LEU C 134 -24.65 -8.81 -46.68
N THR C 135 -25.79 -8.70 -45.98
CA THR C 135 -27.08 -9.02 -46.58
C THR C 135 -27.57 -7.94 -47.54
N LYS C 136 -26.78 -6.89 -47.77
CA LYS C 136 -27.15 -5.79 -48.65
C LYS C 136 -26.25 -5.79 -49.88
N ASN C 137 -26.55 -4.89 -50.80
CA ASN C 137 -25.79 -4.74 -52.04
C ASN C 137 -24.55 -3.88 -51.87
N GLN C 138 -24.45 -3.13 -50.78
CA GLN C 138 -23.28 -2.31 -50.49
C GLN C 138 -22.79 -2.61 -49.08
N VAL C 139 -21.49 -2.45 -48.87
CA VAL C 139 -20.86 -2.74 -47.59
C VAL C 139 -19.96 -1.59 -47.19
N SER C 140 -19.85 -1.36 -45.89
CA SER C 140 -19.11 -0.23 -45.35
C SER C 140 -17.76 -0.71 -44.81
N LEU C 141 -16.69 -0.17 -45.35
CA LEU C 141 -15.34 -0.41 -44.83
C LEU C 141 -14.95 0.77 -43.95
N LEU C 142 -14.47 0.48 -42.74
CA LEU C 142 -14.19 1.49 -41.74
C LEU C 142 -12.70 1.57 -41.46
N CYS C 143 -12.20 2.79 -41.37
CA CYS C 143 -10.81 3.07 -41.00
C CYS C 143 -10.83 3.86 -39.71
N LEU C 144 -10.32 3.27 -38.63
CA LEU C 144 -10.25 3.92 -37.33
C LEU C 144 -8.85 4.49 -37.15
N VAL C 145 -8.78 5.80 -36.86
CA VAL C 145 -7.52 6.49 -36.59
C VAL C 145 -7.67 7.16 -35.23
N LYS C 146 -6.89 6.70 -34.25
CA LYS C 146 -7.02 7.18 -32.89
C LYS C 146 -5.65 7.55 -32.32
N GLY C 147 -5.68 8.41 -31.30
CA GLY C 147 -4.50 8.67 -30.49
C GLY C 147 -3.51 9.64 -31.09
N PHE C 148 -3.96 10.59 -31.91
CA PHE C 148 -3.05 11.52 -32.58
C PHE C 148 -3.29 12.95 -32.11
N TYR C 149 -2.22 13.74 -32.17
CA TYR C 149 -2.25 15.15 -31.84
C TYR C 149 -1.17 15.82 -32.68
N PRO C 150 -1.41 17.00 -33.25
CA PRO C 150 -2.67 17.75 -33.25
C PRO C 150 -3.72 17.11 -34.16
N SER C 151 -4.88 17.76 -34.30
CA SER C 151 -5.98 17.21 -35.08
C SER C 151 -5.75 17.28 -36.58
N ASP C 152 -4.78 18.06 -37.04
CA ASP C 152 -4.49 18.16 -38.47
C ASP C 152 -4.09 16.81 -39.03
N ILE C 153 -4.86 16.31 -40.00
CA ILE C 153 -4.66 14.96 -40.52
C ILE C 153 -5.39 14.87 -41.86
N ALA C 154 -4.98 13.91 -42.69
CA ALA C 154 -5.62 13.66 -43.97
C ALA C 154 -5.81 12.16 -44.15
N VAL C 155 -6.97 11.77 -44.67
CA VAL C 155 -7.32 10.36 -44.86
C VAL C 155 -7.85 10.19 -46.28
N GLU C 156 -7.46 9.08 -46.90
CA GLU C 156 -7.89 8.76 -48.26
C GLU C 156 -7.97 7.24 -48.40
N TRP C 157 -8.68 6.81 -49.44
CA TRP C 157 -8.81 5.40 -49.76
C TRP C 157 -8.33 5.16 -51.18
N GLU C 158 -8.03 3.89 -51.47
CA GLU C 158 -7.56 3.50 -52.80
C GLU C 158 -7.65 1.99 -52.91
N SER C 159 -7.55 1.51 -54.15
CA SER C 159 -7.63 0.08 -54.42
C SER C 159 -6.94 -0.21 -55.75
N ASN C 160 -6.03 -1.18 -55.75
CA ASN C 160 -5.36 -1.64 -56.96
C ASN C 160 -4.60 -0.50 -57.65
N GLY C 161 -4.17 0.49 -56.87
CA GLY C 161 -3.43 1.62 -57.40
C GLY C 161 -4.27 2.79 -57.83
N GLN C 162 -5.61 2.69 -57.73
CA GLN C 162 -6.49 3.77 -58.11
C GLN C 162 -7.20 4.32 -56.87
N PRO C 163 -7.41 5.63 -56.79
CA PRO C 163 -8.06 6.20 -55.59
C PRO C 163 -9.56 5.90 -55.58
N GLU C 164 -10.05 5.47 -54.42
CA GLU C 164 -11.48 5.28 -54.21
C GLU C 164 -12.07 6.57 -53.67
N ASN C 165 -13.18 7.01 -54.27
CA ASN C 165 -13.72 8.33 -54.00
C ASN C 165 -14.97 8.32 -53.13
N ASN C 166 -15.68 7.20 -53.04
CA ASN C 166 -16.96 7.15 -52.32
C ASN C 166 -16.72 6.81 -50.86
N TYR C 167 -16.14 7.77 -50.13
CA TYR C 167 -15.89 7.62 -48.71
C TYR C 167 -16.33 8.86 -47.97
N LEU C 168 -16.61 8.67 -46.67
CA LEU C 168 -17.05 9.73 -45.78
C LEU C 168 -16.16 9.74 -44.56
N THR C 169 -15.55 10.89 -44.26
CA THR C 169 -14.65 11.04 -43.12
C THR C 169 -15.24 12.05 -42.16
N TRP C 170 -15.47 11.62 -40.92
CA TRP C 170 -15.94 12.50 -39.87
C TRP C 170 -14.79 13.37 -39.34
N PRO C 171 -15.09 14.58 -38.89
CA PRO C 171 -14.03 15.42 -38.29
C PRO C 171 -13.51 14.78 -37.01
N PRO C 172 -12.29 15.10 -36.60
CA PRO C 172 -11.73 14.48 -35.39
C PRO C 172 -12.61 14.72 -34.18
N VAL C 173 -12.56 13.77 -33.25
CA VAL C 173 -13.29 13.85 -31.99
C VAL C 173 -12.27 13.80 -30.87
N LEU C 174 -12.42 14.68 -29.88
CA LEU C 174 -11.52 14.70 -28.74
C LEU C 174 -11.80 13.50 -27.84
N ASP C 175 -10.79 12.65 -27.67
CA ASP C 175 -10.94 11.44 -26.88
C ASP C 175 -10.69 11.72 -25.41
N SER C 176 -10.92 10.71 -24.57
CA SER C 176 -10.88 10.90 -23.13
C SER C 176 -9.46 11.13 -22.61
N ASP C 177 -8.44 10.78 -23.38
CA ASP C 177 -7.05 10.96 -22.95
C ASP C 177 -6.41 12.23 -23.52
N GLY C 178 -7.20 13.13 -24.09
CA GLY C 178 -6.67 14.37 -24.62
C GLY C 178 -6.24 14.32 -26.07
N SER C 179 -6.14 13.13 -26.66
CA SER C 179 -5.82 13.00 -28.07
C SER C 179 -7.11 12.99 -28.89
N PHE C 180 -6.98 12.84 -30.20
CA PHE C 180 -8.10 12.83 -31.12
C PHE C 180 -8.25 11.47 -31.78
N PHE C 181 -9.47 11.18 -32.23
CA PHE C 181 -9.72 10.02 -33.08
C PHE C 181 -10.73 10.40 -34.14
N LEU C 182 -10.81 9.57 -35.18
CA LEU C 182 -11.81 9.73 -36.22
C LEU C 182 -12.05 8.39 -36.89
N TYR C 183 -13.12 8.33 -37.66
CA TYR C 183 -13.39 7.22 -38.56
C TYR C 183 -13.54 7.74 -39.98
N SER C 184 -13.20 6.89 -40.95
CA SER C 184 -13.50 7.12 -42.35
C SER C 184 -14.20 5.88 -42.88
N LYS C 185 -15.30 6.09 -43.61
CA LYS C 185 -16.14 5.00 -44.10
C LYS C 185 -16.11 4.99 -45.61
N LEU C 186 -15.59 3.90 -46.19
CA LEU C 186 -15.63 3.67 -47.62
C LEU C 186 -16.78 2.73 -47.94
N THR C 187 -17.65 3.15 -48.85
CA THR C 187 -18.77 2.33 -49.31
C THR C 187 -18.43 1.75 -50.68
N VAL C 188 -18.55 0.43 -50.80
CA VAL C 188 -18.24 -0.27 -52.05
C VAL C 188 -19.34 -1.28 -52.33
N ASP C 189 -19.58 -1.54 -53.61
CA ASP C 189 -20.51 -2.59 -54.00
C ASP C 189 -20.00 -3.92 -53.45
N LYS C 190 -20.93 -4.70 -52.90
CA LYS C 190 -20.55 -5.98 -52.29
C LYS C 190 -19.80 -6.87 -53.27
N SER C 191 -20.16 -6.81 -54.55
CA SER C 191 -19.49 -7.62 -55.56
C SER C 191 -17.98 -7.36 -55.56
N ARG C 192 -17.58 -6.09 -55.45
CA ARG C 192 -16.15 -5.77 -55.44
C ARG C 192 -15.47 -6.38 -54.22
N TRP C 193 -16.16 -6.40 -53.08
CA TRP C 193 -15.59 -7.01 -51.88
C TRP C 193 -15.49 -8.51 -52.02
N GLN C 194 -16.59 -9.17 -52.41
CA GLN C 194 -16.61 -10.62 -52.52
C GLN C 194 -15.66 -11.13 -53.59
N GLN C 195 -15.29 -10.31 -54.57
CA GLN C 195 -14.33 -10.72 -55.58
C GLN C 195 -12.93 -10.89 -55.00
N GLY C 196 -12.64 -10.27 -53.86
CA GLY C 196 -11.36 -10.40 -53.23
C GLY C 196 -10.43 -9.22 -53.39
N ASN C 197 -10.91 -8.09 -53.89
CA ASN C 197 -10.04 -6.94 -54.11
C ASN C 197 -9.59 -6.34 -52.79
N VAL C 198 -8.36 -5.82 -52.79
CA VAL C 198 -7.76 -5.23 -51.60
C VAL C 198 -8.07 -3.74 -51.57
N PHE C 199 -8.57 -3.26 -50.45
CA PHE C 199 -8.84 -1.85 -50.24
C PHE C 199 -7.92 -1.32 -49.14
N SER C 200 -7.42 -0.10 -49.31
CA SER C 200 -6.42 0.46 -48.43
C SER C 200 -6.85 1.82 -47.91
N CYS C 201 -6.62 2.03 -46.61
CA CYS C 201 -6.81 3.32 -45.97
C CYS C 201 -5.45 3.99 -45.82
N SER C 202 -5.29 5.15 -46.44
CA SER C 202 -4.05 5.91 -46.36
C SER C 202 -4.24 7.10 -45.41
N VAL C 203 -3.29 7.27 -44.50
CA VAL C 203 -3.36 8.33 -43.49
C VAL C 203 -2.06 9.11 -43.52
N MET C 204 -2.16 10.43 -43.41
CA MET C 204 -1.01 11.32 -43.41
C MET C 204 -1.08 12.23 -42.20
N HIS C 205 -0.02 12.23 -41.41
CA HIS C 205 0.06 13.02 -40.19
C HIS C 205 1.51 13.37 -39.94
N GLU C 206 1.74 14.52 -39.29
CA GLU C 206 3.10 15.00 -39.08
C GLU C 206 3.90 14.02 -38.22
N ALA C 207 3.25 13.32 -37.30
CA ALA C 207 3.95 12.47 -36.35
C ALA C 207 4.20 11.06 -36.88
N LEU C 208 3.83 10.78 -38.12
CA LEU C 208 4.07 9.48 -38.73
C LEU C 208 5.43 9.47 -39.42
N HIS C 209 6.11 8.33 -39.36
CA HIS C 209 7.33 8.14 -40.12
C HIS C 209 7.04 8.32 -41.60
N ASN C 210 7.73 9.27 -42.23
CA ASN C 210 7.51 9.66 -43.61
C ASN C 210 6.18 10.39 -43.80
N HIS C 211 5.53 10.80 -42.72
CA HIS C 211 4.24 11.49 -42.77
C HIS C 211 3.15 10.64 -43.40
N TYR C 212 3.29 9.32 -43.38
CA TYR C 212 2.40 8.46 -44.15
C TYR C 212 2.40 7.05 -43.58
N THR C 213 1.23 6.42 -43.60
CA THR C 213 1.11 4.99 -43.31
C THR C 213 -0.14 4.47 -44.00
N GLN C 214 -0.24 3.15 -44.10
CA GLN C 214 -1.31 2.52 -44.86
C GLN C 214 -1.69 1.19 -44.23
N LYS C 215 -2.99 0.89 -44.22
CA LYS C 215 -3.51 -0.39 -43.76
C LYS C 215 -4.46 -0.93 -44.82
N SER C 216 -4.29 -2.19 -45.18
CA SER C 216 -5.04 -2.81 -46.26
C SER C 216 -6.01 -3.85 -45.71
N LEU C 217 -7.00 -4.19 -46.53
CA LEU C 217 -8.14 -4.97 -46.08
C LEU C 217 -8.76 -5.69 -47.27
N SER C 218 -9.08 -6.97 -47.12
CA SER C 218 -9.69 -7.74 -48.19
C SER C 218 -10.53 -8.86 -47.61
N LEU C 219 -11.28 -9.53 -48.49
CA LEU C 219 -12.10 -10.67 -48.10
C LEU C 219 -11.24 -11.71 -47.39
N SER C 220 -11.85 -12.39 -46.43
CA SER C 220 -11.17 -13.45 -45.65
C SER C 220 -10.10 -12.85 -44.76
N GLY D 13 -23.76 44.58 -28.83
CA GLY D 13 -25.05 43.94 -28.94
C GLY D 13 -25.04 42.50 -28.44
N PRO D 14 -26.11 42.07 -27.77
CA PRO D 14 -26.18 40.69 -27.29
C PRO D 14 -26.63 39.72 -28.37
N SER D 15 -26.14 38.48 -28.25
CA SER D 15 -26.45 37.42 -29.20
C SER D 15 -27.45 36.44 -28.59
N VAL D 16 -28.16 35.74 -29.46
CA VAL D 16 -29.21 34.79 -29.07
C VAL D 16 -28.89 33.44 -29.70
N PHE D 17 -29.21 32.37 -28.97
CA PHE D 17 -29.04 31.01 -29.45
C PHE D 17 -30.23 30.18 -29.00
N LEU D 18 -30.90 29.52 -29.94
CA LEU D 18 -32.09 28.73 -29.67
C LEU D 18 -31.78 27.27 -29.96
N PHE D 19 -31.88 26.43 -28.93
CA PHE D 19 -31.51 25.03 -29.03
C PHE D 19 -32.76 24.14 -29.02
N PRO D 20 -32.75 23.02 -29.74
CA PRO D 20 -33.92 22.15 -29.79
C PRO D 20 -33.92 21.17 -28.63
N PRO D 21 -35.01 20.41 -28.45
CA PRO D 21 -35.03 19.42 -27.37
C PRO D 21 -34.08 18.27 -27.62
N LYS D 22 -33.69 17.62 -26.53
CA LYS D 22 -32.84 16.44 -26.63
C LYS D 22 -33.58 15.35 -27.42
N PRO D 23 -32.93 14.71 -28.39
CA PRO D 23 -33.62 13.62 -29.10
C PRO D 23 -34.20 12.57 -28.17
N LYS D 24 -33.49 12.27 -27.07
CA LYS D 24 -33.97 11.27 -26.12
C LYS D 24 -35.25 11.72 -25.44
N ASP D 25 -35.41 13.02 -25.18
CA ASP D 25 -36.60 13.51 -24.50
C ASP D 25 -37.83 13.45 -25.40
N THR D 26 -37.65 13.67 -26.70
CA THR D 26 -38.77 13.68 -27.63
C THR D 26 -39.26 12.27 -27.96
N LEU D 27 -38.41 11.26 -27.80
CA LEU D 27 -38.74 9.89 -28.17
C LEU D 27 -39.27 9.06 -27.02
N MET D 28 -38.97 9.43 -25.77
CA MET D 28 -39.49 8.74 -24.60
C MET D 28 -40.62 9.56 -24.00
N ILE D 29 -41.79 8.95 -23.83
CA ILE D 29 -42.91 9.65 -23.21
C ILE D 29 -42.65 9.92 -21.74
N SER D 30 -41.75 9.14 -21.11
CA SER D 30 -41.43 9.34 -19.71
C SER D 30 -40.62 10.61 -19.48
N ARG D 31 -40.00 11.15 -20.53
CA ARG D 31 -39.15 12.33 -20.41
C ARG D 31 -39.92 13.58 -20.85
N THR D 32 -39.29 14.73 -20.63
CA THR D 32 -39.90 16.03 -20.92
C THR D 32 -39.04 16.78 -21.94
N PRO D 33 -39.44 16.86 -23.20
CA PRO D 33 -38.67 17.65 -24.16
C PRO D 33 -38.90 19.14 -23.95
N GLU D 34 -37.84 19.93 -24.16
CA GLU D 34 -37.92 21.36 -23.96
C GLU D 34 -36.98 22.07 -24.93
N VAL D 35 -37.44 23.20 -25.45
CA VAL D 35 -36.65 24.06 -26.33
C VAL D 35 -36.10 25.20 -25.50
N THR D 36 -34.81 25.49 -25.65
CA THR D 36 -34.09 26.41 -24.78
C THR D 36 -33.60 27.61 -25.57
N CYS D 37 -33.79 28.81 -25.01
CA CYS D 37 -33.41 30.06 -25.65
C CYS D 37 -32.40 30.78 -24.76
N VAL D 38 -31.15 30.83 -25.19
CA VAL D 38 -30.04 31.40 -24.42
C VAL D 38 -29.68 32.76 -25.00
N VAL D 39 -29.33 33.69 -24.12
CA VAL D 39 -28.91 35.03 -24.50
C VAL D 39 -27.56 35.30 -23.85
N VAL D 40 -26.59 35.74 -24.65
CA VAL D 40 -25.24 36.03 -24.17
C VAL D 40 -24.95 37.51 -24.40
N ASP D 41 -23.79 37.94 -23.89
CA ASP D 41 -23.31 39.31 -24.08
C ASP D 41 -24.35 40.34 -23.62
N VAL D 42 -24.87 40.12 -22.42
CA VAL D 42 -25.82 41.06 -21.81
C VAL D 42 -25.03 42.00 -20.91
N SER D 43 -25.13 43.30 -21.17
CA SER D 43 -24.38 44.29 -20.43
C SER D 43 -25.00 44.55 -19.06
N HIS D 44 -24.21 45.15 -18.17
CA HIS D 44 -24.69 45.48 -16.83
C HIS D 44 -25.59 46.70 -16.81
N GLU D 45 -25.37 47.65 -17.73
CA GLU D 45 -26.18 48.86 -17.76
C GLU D 45 -27.60 48.56 -18.19
N ASP D 46 -27.78 47.61 -19.13
CA ASP D 46 -29.09 47.21 -19.63
C ASP D 46 -29.22 45.69 -19.44
N PRO D 47 -29.44 45.25 -18.21
CA PRO D 47 -29.45 43.80 -17.95
C PRO D 47 -30.80 43.13 -18.20
N GLU D 48 -31.87 43.91 -18.21
CA GLU D 48 -33.20 43.34 -18.38
C GLU D 48 -33.35 42.71 -19.77
N VAL D 49 -34.11 41.62 -19.82
CA VAL D 49 -34.36 40.89 -21.06
C VAL D 49 -35.79 40.36 -21.03
N LYS D 50 -36.50 40.53 -22.13
CA LYS D 50 -37.87 40.05 -22.28
C LYS D 50 -37.90 38.85 -23.20
N PHE D 51 -38.82 37.92 -22.92
CA PHE D 51 -38.98 36.71 -23.70
C PHE D 51 -40.43 36.59 -24.16
N ASN D 52 -40.61 36.43 -25.47
CA ASN D 52 -41.93 36.20 -26.07
C ASN D 52 -41.83 34.93 -26.91
N TRP D 53 -42.51 33.87 -26.48
CA TRP D 53 -42.47 32.59 -27.16
C TRP D 53 -43.68 32.44 -28.07
N TYR D 54 -43.43 31.93 -29.28
CA TYR D 54 -44.48 31.71 -30.26
C TYR D 54 -44.35 30.32 -30.85
N VAL D 55 -45.49 29.65 -31.03
CA VAL D 55 -45.55 28.36 -31.70
C VAL D 55 -46.61 28.46 -32.80
N ASP D 56 -46.23 28.07 -34.02
CA ASP D 56 -47.11 28.20 -35.18
C ASP D 56 -47.72 29.60 -35.25
N GLY D 57 -46.93 30.60 -34.86
CA GLY D 57 -47.36 31.98 -34.80
C GLY D 57 -48.06 32.35 -33.50
N VAL D 58 -48.87 31.43 -32.97
CA VAL D 58 -49.57 31.70 -31.72
C VAL D 58 -48.56 31.89 -30.59
N GLU D 59 -48.78 32.91 -29.78
CA GLU D 59 -47.94 33.15 -28.62
C GLU D 59 -48.36 32.25 -27.46
N VAL D 60 -47.36 31.83 -26.68
CA VAL D 60 -47.58 30.94 -25.55
C VAL D 60 -47.07 31.61 -24.28
N HIS D 61 -47.74 31.31 -23.16
CA HIS D 61 -47.36 31.86 -21.87
C HIS D 61 -47.07 30.74 -20.88
N ASN D 62 -46.08 29.90 -21.19
CA ASN D 62 -45.71 28.79 -20.31
C ASN D 62 -44.21 28.65 -20.10
N ALA D 63 -43.37 29.44 -20.78
CA ALA D 63 -41.93 29.33 -20.58
C ALA D 63 -41.55 29.80 -19.19
N LYS D 64 -40.62 29.07 -18.58
CA LYS D 64 -40.05 29.43 -17.28
C LYS D 64 -38.68 30.04 -17.51
N THR D 65 -38.49 31.27 -17.06
CA THR D 65 -37.22 31.97 -17.26
C THR D 65 -36.33 31.75 -16.04
N LYS D 66 -35.06 31.46 -16.29
CA LYS D 66 -34.11 31.22 -15.23
C LYS D 66 -33.29 32.49 -14.96
N PRO D 67 -32.87 32.71 -13.72
CA PRO D 67 -32.24 33.99 -13.38
C PRO D 67 -30.91 34.18 -14.08
N ARG D 68 -30.56 35.45 -14.30
CA ARG D 68 -29.33 35.81 -14.99
C ARG D 68 -28.13 35.16 -14.35
N GLU D 69 -27.01 35.12 -15.06
CA GLU D 69 -25.78 34.49 -14.57
C GLU D 69 -24.60 35.37 -14.91
N GLU D 70 -23.88 35.83 -13.90
CA GLU D 70 -22.65 36.57 -14.13
C GLU D 70 -21.60 35.64 -14.73
N GLN D 71 -21.11 36.01 -15.91
CA GLN D 71 -20.13 35.20 -16.62
C GLN D 71 -18.72 35.69 -16.34
N TYR D 72 -17.74 34.83 -16.63
CA TYR D 72 -16.34 35.15 -16.35
C TYR D 72 -15.86 36.36 -17.15
N ASN D 73 -16.58 36.75 -18.21
CA ASN D 73 -16.20 37.91 -19.01
C ASN D 73 -17.08 39.13 -18.71
N SER D 74 -17.64 39.20 -17.49
CA SER D 74 -18.41 40.35 -17.02
C SER D 74 -19.69 40.56 -17.80
N THR D 75 -20.16 39.56 -18.52
CA THR D 75 -21.44 39.62 -19.22
C THR D 75 -22.44 38.70 -18.53
N TYR D 76 -23.72 39.06 -18.63
CA TYR D 76 -24.78 38.25 -18.05
C TYR D 76 -25.28 37.22 -19.05
N ARG D 77 -25.82 36.13 -18.52
CA ARG D 77 -26.33 35.03 -19.32
C ARG D 77 -27.75 34.74 -18.87
N VAL D 78 -28.72 34.98 -19.74
CA VAL D 78 -30.13 34.78 -19.43
C VAL D 78 -30.66 33.64 -20.29
N VAL D 79 -31.45 32.76 -19.68
CA VAL D 79 -31.98 31.57 -20.34
C VAL D 79 -33.47 31.46 -20.03
N SER D 80 -34.24 31.05 -21.05
CA SER D 80 -35.66 30.75 -20.89
C SER D 80 -35.93 29.41 -21.53
N VAL D 81 -36.65 28.55 -20.80
CA VAL D 81 -36.94 27.19 -21.25
C VAL D 81 -38.44 27.06 -21.45
N LEU D 82 -38.82 26.38 -22.52
CA LEU D 82 -40.23 26.16 -22.87
C LEU D 82 -40.46 24.68 -23.08
N THR D 83 -41.36 24.10 -22.29
CA THR D 83 -41.71 22.71 -22.44
C THR D 83 -42.56 22.51 -23.69
N VAL D 84 -42.43 21.34 -24.31
CA VAL D 84 -43.17 20.99 -25.51
C VAL D 84 -43.73 19.58 -25.36
N LEU D 85 -44.78 19.30 -26.13
CA LEU D 85 -45.38 17.98 -26.17
C LEU D 85 -44.64 17.11 -27.20
N HIS D 86 -44.46 15.83 -26.86
CA HIS D 86 -43.76 14.92 -27.77
C HIS D 86 -44.37 14.94 -29.16
N GLN D 87 -45.71 14.91 -29.25
CA GLN D 87 -46.37 14.85 -30.54
C GLN D 87 -46.21 16.15 -31.32
N ASP D 88 -46.06 17.28 -30.62
CA ASP D 88 -45.93 18.57 -31.31
C ASP D 88 -44.61 18.66 -32.05
N TRP D 89 -43.49 18.39 -31.37
CA TRP D 89 -42.19 18.49 -32.01
C TRP D 89 -42.06 17.50 -33.16
N LEU D 90 -42.46 16.25 -32.93
CA LEU D 90 -42.32 15.23 -33.96
C LEU D 90 -43.20 15.49 -35.17
N ASN D 91 -44.20 16.36 -35.05
CA ASN D 91 -45.07 16.70 -36.16
C ASN D 91 -44.59 17.91 -36.95
N GLY D 92 -43.51 18.55 -36.52
CA GLY D 92 -42.90 19.62 -37.28
C GLY D 92 -43.36 21.01 -36.92
N LYS D 93 -44.04 21.20 -35.80
CA LYS D 93 -44.47 22.54 -35.39
C LYS D 93 -43.26 23.45 -35.23
N GLU D 94 -43.46 24.72 -35.54
CA GLU D 94 -42.40 25.72 -35.51
C GLU D 94 -42.44 26.49 -34.20
N TYR D 95 -41.27 26.71 -33.61
CA TYR D 95 -41.12 27.43 -32.36
C TYR D 95 -40.24 28.65 -32.57
N LYS D 96 -40.63 29.77 -31.96
CA LYS D 96 -39.89 31.02 -32.09
C LYS D 96 -39.65 31.63 -30.71
N CYS D 97 -38.45 32.17 -30.53
CA CYS D 97 -38.08 32.90 -29.32
C CYS D 97 -37.72 34.33 -29.71
N LYS D 98 -38.39 35.30 -29.09
CA LYS D 98 -38.16 36.71 -29.36
C LYS D 98 -37.55 37.36 -28.13
N VAL D 99 -36.48 38.12 -28.33
CA VAL D 99 -35.73 38.74 -27.25
C VAL D 99 -35.74 40.25 -27.44
N SER D 100 -35.87 40.98 -26.33
CA SER D 100 -35.93 42.44 -26.37
C SER D 100 -35.01 43.01 -25.30
N ASN D 101 -34.27 44.05 -25.66
CA ASN D 101 -33.32 44.67 -24.75
C ASN D 101 -32.98 46.06 -25.29
N LYS D 102 -32.55 46.94 -24.36
CA LYS D 102 -32.17 48.29 -24.76
C LYS D 102 -30.89 48.32 -25.58
N ALA D 103 -30.07 47.26 -25.50
CA ALA D 103 -28.79 47.25 -26.21
C ALA D 103 -28.95 46.91 -27.69
N LEU D 104 -30.09 46.39 -28.11
CA LEU D 104 -30.34 46.08 -29.51
C LEU D 104 -31.56 46.86 -29.99
N PRO D 105 -31.47 47.61 -31.10
CA PRO D 105 -32.64 48.39 -31.53
C PRO D 105 -33.82 47.54 -31.93
N ALA D 106 -33.60 46.47 -32.71
CA ALA D 106 -34.71 45.60 -33.09
C ALA D 106 -34.66 44.31 -32.28
N PRO D 107 -35.80 43.83 -31.77
CA PRO D 107 -35.79 42.59 -30.99
C PRO D 107 -35.41 41.40 -31.85
N ILE D 108 -34.38 40.67 -31.40
CA ILE D 108 -33.90 39.51 -32.14
C ILE D 108 -34.96 38.41 -32.11
N GLU D 109 -35.07 37.68 -33.22
CA GLU D 109 -35.98 36.55 -33.32
C GLU D 109 -35.22 35.33 -33.83
N LYS D 110 -35.44 34.19 -33.19
CA LYS D 110 -34.88 32.92 -33.61
C LYS D 110 -36.00 31.90 -33.76
N THR D 111 -35.78 30.91 -34.61
CA THR D 111 -36.80 29.91 -34.89
C THR D 111 -36.16 28.54 -34.98
N ILE D 112 -36.88 27.52 -34.52
CA ILE D 112 -36.40 26.14 -34.54
C ILE D 112 -37.58 25.22 -34.80
N SER D 113 -37.34 24.15 -35.53
CA SER D 113 -38.36 23.15 -35.81
C SER D 113 -37.66 21.86 -36.22
N LYS D 114 -38.42 20.77 -36.21
CA LYS D 114 -37.87 19.49 -36.63
C LYS D 114 -37.69 19.47 -38.14
N ALA D 115 -36.59 18.86 -38.59
CA ALA D 115 -36.28 18.81 -40.00
C ALA D 115 -37.38 18.10 -40.77
N LYS D 116 -37.82 18.71 -41.87
CA LYS D 116 -38.79 18.07 -42.75
C LYS D 116 -38.07 17.13 -43.72
N GLY D 117 -38.78 16.12 -44.17
CA GLY D 117 -38.24 15.12 -45.07
C GLY D 117 -38.66 13.74 -44.62
N GLN D 118 -38.72 12.82 -45.57
CA GLN D 118 -39.15 11.46 -45.28
C GLN D 118 -38.25 10.84 -44.21
N PRO D 119 -38.78 10.49 -43.04
CA PRO D 119 -37.94 9.81 -42.04
C PRO D 119 -37.39 8.50 -42.58
N ARG D 120 -36.18 8.16 -42.15
CA ARG D 120 -35.49 6.95 -42.58
C ARG D 120 -34.99 6.19 -41.36
N GLU D 121 -35.10 4.87 -41.43
CA GLU D 121 -34.74 4.01 -40.30
C GLU D 121 -33.22 3.84 -40.23
N PRO D 122 -32.59 4.06 -39.08
CA PRO D 122 -31.15 3.82 -38.97
C PRO D 122 -30.80 2.35 -39.10
N GLN D 123 -29.70 2.07 -39.80
CA GLN D 123 -29.07 0.77 -39.79
C GLN D 123 -27.93 0.80 -38.79
N VAL D 124 -27.84 -0.26 -37.97
CA VAL D 124 -26.86 -0.33 -36.88
C VAL D 124 -25.97 -1.53 -37.10
N TYR D 125 -24.66 -1.31 -37.12
CA TYR D 125 -23.68 -2.37 -37.28
C TYR D 125 -22.58 -2.19 -36.23
N VAL D 126 -22.12 -3.32 -35.69
CA VAL D 126 -21.13 -3.33 -34.62
C VAL D 126 -19.91 -4.12 -35.08
N TYR D 127 -18.74 -3.74 -34.56
CA TYR D 127 -17.47 -4.32 -34.99
C TYR D 127 -16.60 -4.59 -33.78
N PRO D 128 -15.92 -5.73 -33.74
CA PRO D 128 -14.93 -5.97 -32.68
C PRO D 128 -13.64 -5.23 -32.99
N PRO D 129 -12.67 -5.26 -32.08
CA PRO D 129 -11.41 -4.55 -32.33
C PRO D 129 -10.62 -5.18 -33.47
N SER D 130 -9.77 -4.36 -34.08
CA SER D 130 -8.79 -4.88 -35.02
C SER D 130 -7.73 -5.67 -34.26
N ARG D 131 -7.22 -6.73 -34.90
CA ARG D 131 -6.20 -7.54 -34.26
C ARG D 131 -4.95 -6.73 -33.93
N ASP D 132 -4.64 -5.72 -34.75
CA ASP D 132 -3.46 -4.90 -34.52
C ASP D 132 -3.57 -4.04 -33.26
N GLU D 133 -4.78 -3.85 -32.74
CA GLU D 133 -4.97 -3.00 -31.56
C GLU D 133 -4.70 -3.73 -30.25
N LEU D 134 -4.49 -5.05 -30.28
CA LEU D 134 -4.33 -5.81 -29.05
C LEU D 134 -3.00 -5.55 -28.35
N ARG D 135 -2.08 -4.81 -28.97
CA ARG D 135 -0.86 -4.45 -28.26
C ARG D 135 -1.10 -3.42 -27.17
N PHE D 136 -2.31 -2.88 -27.06
CA PHE D 136 -2.70 -1.98 -25.99
C PHE D 136 -3.60 -2.73 -25.02
N TYR D 137 -3.60 -2.28 -23.76
CA TYR D 137 -4.49 -2.88 -22.77
C TYR D 137 -5.93 -2.51 -23.03
N GLN D 138 -6.18 -1.27 -23.47
CA GLN D 138 -7.51 -0.82 -23.85
C GLN D 138 -7.72 -1.05 -25.33
N VAL D 139 -8.88 -1.61 -25.69
CA VAL D 139 -9.23 -1.88 -27.08
C VAL D 139 -10.54 -1.15 -27.39
N SER D 140 -10.89 -1.15 -28.67
CA SER D 140 -11.99 -0.32 -29.18
C SER D 140 -13.07 -1.19 -29.79
N LEU D 141 -14.30 -0.97 -29.37
CA LEU D 141 -15.49 -1.54 -29.99
C LEU D 141 -16.21 -0.44 -30.76
N THR D 142 -16.67 -0.76 -31.97
CA THR D 142 -17.20 0.23 -32.89
C THR D 142 -18.66 -0.04 -33.22
N CYS D 143 -19.46 1.02 -33.26
CA CYS D 143 -20.86 0.94 -33.65
C CYS D 143 -21.11 1.97 -34.75
N LEU D 144 -21.44 1.50 -35.94
CA LEU D 144 -21.80 2.35 -37.07
C LEU D 144 -23.31 2.49 -37.14
N VAL D 145 -23.78 3.73 -37.26
CA VAL D 145 -25.20 4.04 -37.40
C VAL D 145 -25.37 4.93 -38.62
N LYS D 146 -26.05 4.43 -39.65
CA LYS D 146 -26.17 5.15 -40.91
C LYS D 146 -27.55 4.95 -41.51
N GLY D 147 -27.86 5.78 -42.50
CA GLY D 147 -29.09 5.67 -43.26
C GLY D 147 -30.30 6.34 -42.66
N PHE D 148 -30.13 7.13 -41.61
CA PHE D 148 -31.27 7.66 -40.86
C PHE D 148 -31.53 9.12 -41.18
N TYR D 149 -32.80 9.51 -41.08
CA TYR D 149 -33.25 10.87 -41.27
C TYR D 149 -34.50 11.04 -40.42
N PRO D 150 -34.65 12.18 -39.71
CA PRO D 150 -33.73 13.30 -39.60
C PRO D 150 -32.50 12.98 -38.73
N SER D 151 -31.65 13.98 -38.50
CA SER D 151 -30.42 13.76 -37.76
C SER D 151 -30.65 13.55 -36.27
N ASP D 152 -31.80 13.97 -35.74
CA ASP D 152 -32.09 13.80 -34.33
C ASP D 152 -32.00 12.33 -33.95
N ILE D 153 -31.07 12.00 -33.04
CA ILE D 153 -30.82 10.61 -32.68
C ILE D 153 -30.10 10.60 -31.33
N ALA D 154 -30.16 9.46 -30.65
CA ALA D 154 -29.42 9.25 -29.41
C ALA D 154 -28.75 7.89 -29.47
N VAL D 155 -27.49 7.84 -29.04
CA VAL D 155 -26.68 6.63 -29.09
C VAL D 155 -26.01 6.45 -27.74
N GLU D 156 -26.17 5.27 -27.16
CA GLU D 156 -25.51 4.92 -25.90
C GLU D 156 -25.03 3.49 -25.97
N TRP D 157 -24.08 3.17 -25.11
CA TRP D 157 -23.59 1.80 -24.95
C TRP D 157 -24.06 1.24 -23.62
N GLU D 158 -24.23 -0.08 -23.58
CA GLU D 158 -24.64 -0.77 -22.37
C GLU D 158 -23.90 -2.10 -22.31
N SER D 159 -23.83 -2.67 -21.11
CA SER D 159 -23.14 -3.94 -20.92
C SER D 159 -23.80 -4.70 -19.78
N ASN D 160 -23.75 -6.03 -19.87
CA ASN D 160 -24.11 -6.86 -18.73
C ASN D 160 -23.01 -6.86 -17.67
N GLY D 161 -21.87 -6.24 -17.96
CA GLY D 161 -20.87 -5.96 -16.94
C GLY D 161 -21.17 -4.73 -16.09
N GLN D 162 -22.21 -3.99 -16.44
CA GLN D 162 -22.66 -2.90 -15.59
C GLN D 162 -23.57 -3.44 -14.49
N PRO D 163 -23.33 -3.09 -13.21
CA PRO D 163 -22.29 -2.23 -12.64
C PRO D 163 -21.08 -2.99 -12.07
N ASP D 164 -21.15 -4.32 -12.04
CA ASP D 164 -20.16 -5.09 -11.30
C ASP D 164 -18.77 -4.99 -11.92
N ILE D 165 -18.68 -4.91 -13.24
CA ILE D 165 -17.39 -4.71 -13.90
C ILE D 165 -17.14 -3.24 -14.17
N PHE D 166 -18.16 -2.50 -14.59
CA PHE D 166 -18.05 -1.08 -14.92
C PHE D 166 -18.96 -0.30 -13.96
N PRO D 167 -18.47 0.01 -12.75
CA PRO D 167 -19.30 0.73 -11.78
C PRO D 167 -19.44 2.21 -12.10
N ASN D 168 -18.42 2.78 -12.74
CA ASN D 168 -18.38 4.21 -13.02
C ASN D 168 -18.94 4.56 -14.39
N GLY D 169 -19.48 3.60 -15.12
CA GLY D 169 -20.01 3.84 -16.45
C GLY D 169 -19.05 3.35 -17.51
N LEU D 170 -19.49 3.54 -18.76
CA LEU D 170 -18.73 3.10 -19.93
C LEU D 170 -18.10 4.30 -20.62
N ASN D 171 -16.90 4.08 -21.16
CA ASN D 171 -16.11 5.15 -21.77
C ASN D 171 -16.28 5.08 -23.27
N TYR D 172 -17.19 5.89 -23.81
CA TYR D 172 -17.45 5.91 -25.24
C TYR D 172 -17.61 7.33 -25.72
N LYS D 173 -17.25 7.55 -26.99
CA LYS D 173 -17.36 8.84 -27.66
C LYS D 173 -18.03 8.62 -29.01
N THR D 174 -18.77 9.64 -29.46
CA THR D 174 -19.58 9.51 -30.66
C THR D 174 -19.39 10.72 -31.56
N THR D 175 -19.22 10.46 -32.85
CA THR D 175 -19.14 11.54 -33.83
C THR D 175 -20.50 12.21 -33.96
N PRO D 176 -20.55 13.54 -34.13
CA PRO D 176 -21.79 14.17 -34.53
C PRO D 176 -22.24 13.65 -35.87
N PRO D 177 -23.55 13.53 -36.09
CA PRO D 177 -24.04 12.99 -37.36
C PRO D 177 -23.68 13.90 -38.52
N VAL D 178 -23.28 13.29 -39.63
CA VAL D 178 -22.90 14.01 -40.85
C VAL D 178 -23.76 13.50 -42.00
N LEU D 179 -24.05 14.38 -42.94
CA LEU D 179 -24.83 14.01 -44.11
C LEU D 179 -24.01 13.07 -44.99
N ASP D 180 -24.56 11.90 -45.28
CA ASP D 180 -23.92 10.93 -46.15
C ASP D 180 -24.33 11.20 -47.60
N SER D 181 -23.79 10.40 -48.52
CA SER D 181 -23.98 10.67 -49.94
C SER D 181 -25.41 10.41 -50.41
N ASP D 182 -26.19 9.61 -49.68
CA ASP D 182 -27.54 9.26 -50.08
C ASP D 182 -28.60 10.18 -49.44
N GLY D 183 -28.19 11.33 -48.93
CA GLY D 183 -29.11 12.24 -48.28
C GLY D 183 -29.44 11.91 -46.84
N SER D 184 -28.98 10.77 -46.34
CA SER D 184 -29.21 10.37 -44.96
C SER D 184 -28.00 10.75 -44.09
N PHE D 185 -28.16 10.56 -42.80
CA PHE D 185 -27.11 10.86 -41.82
C PHE D 185 -26.43 9.58 -41.34
N ALA D 186 -25.20 9.75 -40.87
CA ALA D 186 -24.42 8.64 -40.35
C ALA D 186 -23.50 9.13 -39.25
N LEU D 187 -23.18 8.23 -38.32
CA LEU D 187 -22.24 8.53 -37.24
C LEU D 187 -21.52 7.25 -36.84
N VAL D 188 -20.50 7.40 -36.02
CA VAL D 188 -19.77 6.28 -35.44
C VAL D 188 -19.59 6.52 -33.96
N SER D 189 -19.75 5.47 -33.16
CA SER D 189 -19.53 5.53 -31.72
C SER D 189 -18.46 4.51 -31.35
N LYS D 190 -17.45 4.96 -30.62
CA LYS D 190 -16.32 4.12 -30.22
C LYS D 190 -16.37 3.90 -28.72
N LEU D 191 -16.46 2.64 -28.32
CA LEU D 191 -16.43 2.25 -26.91
C LEU D 191 -15.07 1.66 -26.58
N THR D 192 -14.42 2.21 -25.55
CA THR D 192 -13.12 1.74 -25.10
C THR D 192 -13.29 0.91 -23.84
N VAL D 193 -12.77 -0.31 -23.86
CA VAL D 193 -12.85 -1.21 -22.70
C VAL D 193 -11.53 -1.94 -22.54
N PRO D 194 -11.22 -2.39 -21.31
CA PRO D 194 -10.04 -3.23 -21.13
C PRO D 194 -10.18 -4.55 -21.89
N TYR D 195 -9.07 -5.01 -22.46
CA TYR D 195 -9.08 -6.25 -23.22
C TYR D 195 -9.65 -7.43 -22.45
N PRO D 196 -9.28 -7.69 -21.20
CA PRO D 196 -9.83 -8.87 -20.52
C PRO D 196 -11.34 -8.82 -20.34
N SER D 197 -11.93 -7.62 -20.26
CA SER D 197 -13.38 -7.54 -20.16
C SER D 197 -14.02 -7.95 -21.48
N TRP D 198 -13.32 -7.72 -22.59
CA TRP D 198 -13.76 -8.22 -23.89
C TRP D 198 -13.48 -9.71 -24.03
N LEU D 199 -12.32 -10.16 -23.56
CA LEU D 199 -11.93 -11.56 -23.72
C LEU D 199 -12.84 -12.48 -22.91
N MET D 200 -13.26 -12.05 -21.72
CA MET D 200 -13.98 -12.92 -20.80
C MET D 200 -15.43 -13.15 -21.21
N GLY D 201 -15.86 -12.65 -22.37
CA GLY D 201 -17.19 -12.92 -22.87
C GLY D 201 -18.25 -11.91 -22.49
N THR D 202 -17.86 -10.78 -21.92
CA THR D 202 -18.84 -9.74 -21.57
C THR D 202 -19.56 -9.26 -22.81
N ARG D 203 -20.88 -9.09 -22.69
CA ARG D 203 -21.70 -8.59 -23.79
C ARG D 203 -21.73 -7.07 -23.76
N PHE D 204 -21.54 -6.46 -24.92
CA PHE D 204 -21.65 -5.01 -25.09
C PHE D 204 -22.69 -4.72 -26.15
N SER D 205 -23.50 -3.69 -25.91
CA SER D 205 -24.66 -3.41 -26.74
C SER D 205 -24.66 -1.94 -27.15
N CYS D 206 -24.87 -1.70 -28.43
CA CYS D 206 -25.03 -0.36 -28.97
C CYS D 206 -26.53 -0.05 -29.04
N SER D 207 -26.97 0.92 -28.24
CA SER D 207 -28.39 1.27 -28.12
C SER D 207 -28.66 2.57 -28.86
N VAL D 208 -29.61 2.53 -29.78
CA VAL D 208 -29.93 3.66 -30.64
C VAL D 208 -31.40 4.01 -30.48
N MET D 209 -31.69 5.29 -30.31
CA MET D 209 -33.06 5.80 -30.21
C MET D 209 -33.31 6.76 -31.36
N HIS D 210 -34.35 6.50 -32.15
CA HIS D 210 -34.66 7.31 -33.32
C HIS D 210 -36.13 7.15 -33.65
N GLU D 211 -36.72 8.20 -34.22
CA GLU D 211 -38.17 8.21 -34.43
C GLU D 211 -38.61 7.18 -35.47
N ALA D 212 -37.74 6.83 -36.41
CA ALA D 212 -38.07 5.89 -37.46
C ALA D 212 -37.83 4.44 -37.07
N LEU D 213 -37.54 4.18 -35.80
CA LEU D 213 -37.34 2.82 -35.30
C LEU D 213 -38.60 2.34 -34.59
N HIS D 214 -38.80 1.02 -34.63
CA HIS D 214 -39.87 0.42 -33.84
C HIS D 214 -39.68 0.76 -32.37
N ASN D 215 -40.75 1.24 -31.73
CA ASN D 215 -40.68 1.71 -30.35
C ASN D 215 -39.59 2.75 -30.15
N HIS D 216 -39.15 3.38 -31.24
CA HIS D 216 -38.12 4.42 -31.19
C HIS D 216 -36.79 3.89 -30.67
N TYR D 217 -36.52 2.60 -30.85
CA TYR D 217 -35.41 1.98 -30.14
C TYR D 217 -34.99 0.69 -30.82
N THR D 218 -33.68 0.45 -30.86
CA THR D 218 -33.13 -0.83 -31.29
C THR D 218 -31.79 -1.05 -30.60
N GLN D 219 -31.24 -2.25 -30.77
CA GLN D 219 -29.99 -2.63 -30.13
C GLN D 219 -29.24 -3.64 -30.98
N LYS D 220 -27.91 -3.52 -30.99
CA LYS D 220 -27.03 -4.52 -31.59
C LYS D 220 -26.00 -4.93 -30.53
N HIS D 221 -25.72 -6.23 -30.48
CA HIS D 221 -24.88 -6.80 -29.42
C HIS D 221 -23.55 -7.28 -29.98
N LEU D 222 -22.52 -7.21 -29.14
CA LEU D 222 -21.16 -7.60 -29.48
C LEU D 222 -20.63 -8.53 -28.40
N GLU D 223 -20.06 -9.65 -28.82
CA GLU D 223 -19.40 -10.58 -27.90
C GLU D 223 -18.18 -11.19 -28.57
N TYR D 224 -17.21 -11.57 -27.75
CA TYR D 224 -16.01 -12.22 -28.26
C TYR D 224 -16.36 -13.52 -28.96
N GLN D 225 -15.90 -13.67 -30.19
CA GLN D 225 -16.21 -14.82 -31.03
C GLN D 225 -14.96 -15.68 -31.20
N TRP D 226 -15.13 -16.99 -31.03
CA TRP D 226 -14.03 -17.94 -31.18
C TRP D 226 -14.17 -18.70 -32.49
N MET E 1 -11.88 -16.29 -0.71
CA MET E 1 -12.55 -15.91 -1.94
C MET E 1 -11.72 -16.25 -3.16
N VAL E 2 -12.26 -15.94 -4.33
CA VAL E 2 -11.59 -16.16 -5.62
C VAL E 2 -11.21 -14.80 -6.20
N VAL E 3 -10.01 -14.72 -6.75
CA VAL E 3 -9.57 -13.49 -7.40
C VAL E 3 -10.27 -13.36 -8.74
N LYS E 4 -10.96 -12.24 -8.95
CA LYS E 4 -11.70 -12.04 -10.18
C LYS E 4 -10.75 -11.99 -11.38
N PHE E 5 -11.26 -12.44 -12.53
CA PHE E 5 -10.45 -12.45 -13.74
C PHE E 5 -9.93 -11.04 -14.06
N MET E 6 -10.75 -10.02 -13.83
CA MET E 6 -10.31 -8.64 -14.07
C MET E 6 -9.04 -8.34 -13.29
N ASP E 7 -9.01 -8.69 -12.01
CA ASP E 7 -7.86 -8.37 -11.17
C ASP E 7 -6.65 -9.19 -11.58
N VAL E 8 -6.81 -10.50 -11.74
CA VAL E 8 -5.71 -11.36 -12.15
C VAL E 8 -5.07 -10.82 -13.42
N TYR E 9 -5.88 -10.63 -14.46
CA TYR E 9 -5.34 -10.27 -15.76
C TYR E 9 -4.63 -8.92 -15.72
N GLN E 10 -5.18 -7.96 -14.99
CA GLN E 10 -4.55 -6.65 -14.90
C GLN E 10 -3.20 -6.74 -14.21
N ARG E 11 -3.13 -7.44 -13.08
CA ARG E 11 -1.87 -7.53 -12.34
C ARG E 11 -0.84 -8.36 -13.08
N SER E 12 -1.29 -9.30 -13.93
CA SER E 12 -0.36 -10.10 -14.72
C SER E 12 0.11 -9.40 -15.98
N TYR E 13 -0.48 -8.27 -16.35
CA TYR E 13 -0.21 -7.66 -17.64
C TYR E 13 1.13 -6.92 -17.63
N CYS E 14 1.83 -7.00 -18.75
CA CYS E 14 3.11 -6.33 -18.98
C CYS E 14 3.23 -5.02 -18.19
N HIS E 15 4.18 -4.97 -17.26
CA HIS E 15 4.43 -3.77 -16.48
C HIS E 15 5.78 -3.88 -15.78
N PRO E 16 6.32 -2.77 -15.27
CA PRO E 16 7.58 -2.85 -14.49
C PRO E 16 7.28 -3.31 -13.08
N ILE E 17 7.90 -4.44 -12.69
CA ILE E 17 7.64 -5.08 -11.41
C ILE E 17 8.95 -5.20 -10.65
N GLU E 18 8.90 -4.92 -9.35
CA GLU E 18 10.08 -5.08 -8.51
C GLU E 18 10.58 -6.51 -8.58
N THR E 19 11.83 -6.66 -8.99
CA THR E 19 12.43 -7.97 -9.23
C THR E 19 13.78 -8.04 -8.54
N LEU E 20 14.03 -9.16 -7.86
CA LEU E 20 15.31 -9.40 -7.20
C LEU E 20 16.28 -10.01 -8.20
N VAL E 21 17.38 -9.30 -8.46
CA VAL E 21 18.34 -9.67 -9.49
C VAL E 21 19.66 -10.00 -8.83
N ASP E 22 20.28 -11.09 -9.26
CA ASP E 22 21.59 -11.47 -8.75
C ASP E 22 22.64 -10.51 -9.29
N ILE E 23 23.38 -9.87 -8.38
CA ILE E 23 24.41 -8.91 -8.79
C ILE E 23 25.32 -9.52 -9.84
N PHE E 24 25.63 -10.81 -9.70
CA PHE E 24 26.51 -11.46 -10.67
C PHE E 24 25.90 -11.49 -12.06
N GLN E 25 24.57 -11.51 -12.16
CA GLN E 25 23.94 -11.44 -13.47
C GLN E 25 24.22 -10.11 -14.16
N GLU E 26 24.36 -9.04 -13.38
CA GLU E 26 24.65 -7.72 -13.93
C GLU E 26 26.14 -7.44 -14.03
N TYR E 27 26.96 -8.10 -13.21
CA TYR E 27 28.42 -8.00 -13.28
C TYR E 27 28.98 -9.42 -13.36
N PRO E 28 28.81 -10.09 -14.49
CA PRO E 28 29.21 -11.51 -14.58
C PRO E 28 30.70 -11.74 -14.50
N ASP E 29 31.53 -10.69 -14.65
CA ASP E 29 32.97 -10.86 -14.68
C ASP E 29 33.65 -10.53 -13.35
N GLU E 30 32.97 -9.85 -12.44
CA GLU E 30 33.53 -9.56 -11.12
C GLU E 30 33.47 -10.83 -10.30
N ILE E 31 34.44 -11.71 -10.54
CA ILE E 31 34.43 -13.04 -9.98
C ILE E 31 35.06 -13.10 -8.59
N GLU E 32 36.06 -12.25 -8.32
CA GLU E 32 36.90 -12.40 -7.14
C GLU E 32 36.28 -11.78 -5.88
N TYR E 33 35.00 -11.45 -5.89
CA TYR E 33 34.40 -10.72 -4.78
C TYR E 33 33.12 -11.39 -4.31
N ILE E 34 32.79 -11.14 -3.05
CA ILE E 34 31.51 -11.49 -2.45
C ILE E 34 30.74 -10.19 -2.22
N PHE E 35 29.47 -10.19 -2.58
CA PHE E 35 28.63 -9.01 -2.44
C PHE E 35 27.59 -9.22 -1.34
N LYS E 36 27.39 -8.19 -0.53
CA LYS E 36 26.38 -8.19 0.51
C LYS E 36 25.64 -6.86 0.45
N PRO E 37 24.35 -6.83 0.08
CA PRO E 37 23.53 -7.97 -0.32
C PRO E 37 23.99 -8.59 -1.64
N SER E 38 23.78 -9.89 -1.79
CA SER E 38 24.13 -10.56 -3.04
C SER E 38 23.13 -10.28 -4.16
N CYS E 39 21.91 -9.85 -3.81
CA CYS E 39 20.88 -9.52 -4.78
C CYS E 39 20.35 -8.14 -4.50
N VAL E 40 19.86 -7.47 -5.55
CA VAL E 40 19.32 -6.12 -5.44
C VAL E 40 17.91 -6.09 -6.00
N PRO E 41 17.03 -5.22 -5.47
CA PRO E 41 15.68 -5.12 -6.04
C PRO E 41 15.59 -4.06 -7.13
N LEU E 42 15.27 -4.48 -8.35
CA LEU E 42 15.24 -3.58 -9.50
C LEU E 42 13.88 -3.66 -10.18
N MET E 43 13.40 -2.52 -10.67
CA MET E 43 12.19 -2.49 -11.48
C MET E 43 12.51 -3.04 -12.86
N ARG E 44 11.83 -4.12 -13.25
CA ARG E 44 12.10 -4.79 -14.51
C ARG E 44 10.78 -5.20 -15.16
N CYS E 45 10.77 -5.18 -16.49
CA CYS E 45 9.57 -5.54 -17.23
C CYS E 45 9.22 -7.01 -17.02
N GLY E 46 7.94 -7.26 -16.78
CA GLY E 46 7.45 -8.61 -16.62
C GLY E 46 5.95 -8.64 -16.80
N GLY E 47 5.44 -9.82 -17.11
CA GLY E 47 4.02 -10.02 -17.31
C GLY E 47 3.73 -10.50 -18.72
N CYS E 48 2.45 -10.77 -18.93
CA CYS E 48 1.97 -11.41 -20.15
C CYS E 48 1.27 -10.37 -21.02
N CYS E 49 1.10 -10.70 -22.30
CA CYS E 49 0.50 -9.81 -23.28
C CYS E 49 -0.81 -10.39 -23.78
N ASN E 50 -1.53 -9.60 -24.58
CA ASN E 50 -2.85 -9.98 -25.08
C ASN E 50 -2.79 -10.97 -26.23
N ASP E 51 -1.62 -11.18 -26.83
CA ASP E 51 -1.50 -12.05 -27.99
C ASP E 51 -0.12 -12.69 -27.99
N GLU E 52 -0.08 -14.00 -28.29
CA GLU E 52 1.17 -14.73 -28.24
C GLU E 52 2.22 -14.17 -29.19
N GLY E 53 1.80 -13.39 -30.19
CA GLY E 53 2.74 -12.73 -31.08
C GLY E 53 3.35 -11.47 -30.53
N LEU E 54 3.09 -11.13 -29.27
CA LEU E 54 3.59 -9.93 -28.62
C LEU E 54 4.48 -10.31 -27.45
N GLU E 55 5.43 -9.43 -27.14
CA GLU E 55 6.35 -9.63 -26.03
C GLU E 55 6.45 -8.35 -25.21
N CYS E 56 6.64 -8.51 -23.91
CA CYS E 56 6.77 -7.39 -22.99
C CYS E 56 8.22 -6.95 -22.95
N VAL E 57 8.49 -5.73 -23.41
CA VAL E 57 9.85 -5.21 -23.49
C VAL E 57 9.89 -3.82 -22.86
N PRO E 58 11.07 -3.37 -22.44
CA PRO E 58 11.19 -2.00 -21.93
C PRO E 58 11.23 -0.98 -23.05
N THR E 59 10.59 0.17 -22.80
CA THR E 59 10.63 1.30 -23.72
C THR E 59 11.28 2.53 -23.13
N GLU E 60 11.45 2.59 -21.81
CA GLU E 60 12.17 3.67 -21.15
C GLU E 60 13.02 3.07 -20.05
N GLU E 61 14.31 3.39 -20.04
CA GLU E 61 15.26 2.83 -19.10
C GLU E 61 15.98 3.96 -18.37
N SER E 62 16.60 3.59 -17.24
CA SER E 62 17.41 4.50 -16.46
C SER E 62 18.31 3.67 -15.55
N ASN E 63 19.24 4.34 -14.90
CA ASN E 63 20.13 3.70 -13.96
C ASN E 63 19.78 4.10 -12.53
N ILE E 64 20.15 3.22 -11.59
CA ILE E 64 19.98 3.49 -10.17
C ILE E 64 21.25 3.03 -9.47
N THR E 65 21.75 3.86 -8.55
CA THR E 65 22.98 3.57 -7.83
C THR E 65 22.62 3.12 -6.41
N MET E 66 23.26 2.04 -5.97
CA MET E 66 22.99 1.45 -4.67
C MET E 66 24.30 1.20 -3.94
N GLN E 67 24.26 1.38 -2.61
CA GLN E 67 25.41 1.05 -1.77
C GLN E 67 25.44 -0.46 -1.58
N ILE E 68 26.46 -1.11 -2.15
CA ILE E 68 26.69 -2.54 -1.99
C ILE E 68 28.04 -2.71 -1.32
N MET E 69 28.14 -3.70 -0.43
CA MET E 69 29.41 -3.96 0.24
C MET E 69 30.17 -5.03 -0.51
N ARG E 70 31.42 -4.75 -0.80
CA ARG E 70 32.29 -5.61 -1.60
C ARG E 70 33.33 -6.25 -0.68
N ILE E 71 33.47 -7.56 -0.77
CA ILE E 71 34.36 -8.32 0.12
C ILE E 71 35.37 -9.06 -0.72
N LYS E 72 36.66 -8.81 -0.46
CA LYS E 72 37.74 -9.64 -0.97
C LYS E 72 38.12 -10.61 0.14
N PRO E 73 37.90 -11.93 -0.03
CA PRO E 73 38.02 -12.87 1.10
C PRO E 73 39.19 -12.62 2.04
N HIS E 74 40.43 -12.71 1.57
CA HIS E 74 41.58 -12.62 2.46
C HIS E 74 42.31 -11.28 2.31
N GLN E 75 41.55 -10.19 2.33
CA GLN E 75 42.15 -8.86 2.27
C GLN E 75 41.32 -7.87 3.07
N GLY E 76 40.07 -7.66 2.68
CA GLY E 76 39.21 -6.77 3.42
C GLY E 76 37.88 -6.59 2.71
N GLN E 77 37.17 -5.53 3.10
CA GLN E 77 35.88 -5.22 2.51
C GLN E 77 35.72 -3.70 2.46
N HIS E 78 34.65 -3.26 1.81
N HIS E 78 34.63 -3.26 1.83
CA HIS E 78 34.34 -1.84 1.72
CA HIS E 78 34.33 -1.85 1.72
C HIS E 78 32.98 -1.68 1.05
C HIS E 78 32.96 -1.71 1.09
N ILE E 79 32.30 -0.60 1.40
CA ILE E 79 31.00 -0.27 0.82
C ILE E 79 31.24 0.66 -0.36
N GLY E 80 30.76 0.25 -1.54
CA GLY E 80 30.89 1.03 -2.74
C GLY E 80 29.52 1.27 -3.37
N GLU E 81 29.51 2.12 -4.39
CA GLU E 81 28.29 2.53 -5.07
C GLU E 81 28.25 1.89 -6.46
N MET E 82 27.48 0.83 -6.60
CA MET E 82 27.30 0.14 -7.88
C MET E 82 26.00 0.59 -8.53
N SER E 83 26.02 0.64 -9.86
CA SER E 83 24.88 1.10 -10.64
C SER E 83 24.25 -0.06 -11.39
N PHE E 84 22.93 -0.02 -11.52
CA PHE E 84 22.18 -1.08 -12.16
C PHE E 84 21.13 -0.48 -13.09
N LEU E 85 20.73 -1.27 -14.08
CA LEU E 85 19.72 -0.86 -15.04
C LEU E 85 18.33 -1.22 -14.52
N GLN E 86 17.42 -0.27 -14.54
CA GLN E 86 16.02 -0.50 -14.21
C GLN E 86 15.12 -0.07 -15.36
N HIS E 87 13.94 -0.66 -15.41
CA HIS E 87 13.00 -0.44 -16.51
C HIS E 87 11.88 0.49 -16.04
N ASN E 88 11.79 1.66 -16.67
CA ASN E 88 10.81 2.67 -16.27
C ASN E 88 9.47 2.51 -16.96
N LYS E 89 9.45 1.97 -18.17
CA LYS E 89 8.21 1.78 -18.91
C LYS E 89 8.32 0.50 -19.74
N CYS E 90 7.21 -0.23 -19.82
CA CYS E 90 7.14 -1.49 -20.53
C CYS E 90 5.92 -1.49 -21.43
N GLU E 91 6.05 -2.12 -22.60
CA GLU E 91 4.97 -2.17 -23.57
C GLU E 91 5.02 -3.51 -24.30
N CYS E 92 3.84 -3.98 -24.72
CA CYS E 92 3.77 -5.17 -25.56
C CYS E 92 4.02 -4.79 -27.01
N ARG E 93 4.96 -5.48 -27.64
CA ARG E 93 5.38 -5.16 -28.99
C ARG E 93 5.47 -6.44 -29.81
N PRO E 94 5.25 -6.36 -31.13
CA PRO E 94 5.45 -7.54 -31.97
C PRO E 94 6.89 -8.01 -31.92
N LYS E 95 7.08 -9.33 -31.97
CA LYS E 95 8.40 -9.93 -31.89
C LYS E 95 9.18 -9.70 -33.17
N MET F 1 19.81 9.95 -6.88
CA MET F 1 20.33 9.77 -5.53
C MET F 1 20.96 8.38 -5.39
N VAL F 2 21.48 8.10 -4.19
CA VAL F 2 21.98 6.78 -3.83
C VAL F 2 20.97 6.12 -2.90
N VAL F 3 20.76 4.83 -3.07
CA VAL F 3 20.04 4.04 -2.08
C VAL F 3 21.02 3.63 -1.00
N LYS F 4 20.78 4.06 0.22
CA LYS F 4 21.70 3.75 1.31
C LYS F 4 21.78 2.25 1.53
N PHE F 5 22.97 1.80 1.96
CA PHE F 5 23.19 0.37 2.21
C PHE F 5 22.10 -0.20 3.11
N MET F 6 21.64 0.58 4.07
CA MET F 6 20.58 0.12 4.98
C MET F 6 19.33 -0.27 4.20
N ASP F 7 18.90 0.59 3.28
CA ASP F 7 17.65 0.34 2.57
C ASP F 7 17.80 -0.79 1.55
N VAL F 8 18.95 -0.86 0.89
CA VAL F 8 19.18 -1.92 -0.10
C VAL F 8 19.11 -3.29 0.58
N TYR F 9 19.87 -3.46 1.66
CA TYR F 9 19.97 -4.77 2.30
C TYR F 9 18.62 -5.22 2.83
N GLN F 10 17.83 -4.30 3.37
CA GLN F 10 16.52 -4.66 3.90
C GLN F 10 15.59 -5.13 2.78
N ARG F 11 15.51 -4.36 1.70
CA ARG F 11 14.55 -4.67 0.63
C ARG F 11 14.88 -5.98 -0.07
N SER F 12 16.15 -6.37 -0.09
CA SER F 12 16.56 -7.60 -0.76
C SER F 12 16.60 -8.80 0.18
N TYR F 13 16.44 -8.60 1.48
CA TYR F 13 16.53 -9.70 2.42
C TYR F 13 15.32 -10.63 2.29
N CYS F 14 15.59 -11.93 2.42
CA CYS F 14 14.58 -12.99 2.39
C CYS F 14 13.21 -12.53 2.87
N HIS F 15 12.21 -12.63 2.01
CA HIS F 15 10.85 -12.23 2.36
C HIS F 15 9.91 -12.65 1.22
N PRO F 16 8.60 -12.70 1.48
CA PRO F 16 7.65 -13.00 0.39
C PRO F 16 7.49 -11.81 -0.53
N ILE F 17 7.71 -12.03 -1.82
CA ILE F 17 7.66 -10.97 -2.83
C ILE F 17 6.72 -11.41 -3.94
N GLU F 18 5.95 -10.45 -4.48
CA GLU F 18 5.07 -10.73 -5.59
C GLU F 18 5.88 -11.13 -6.81
N THR F 19 5.64 -12.34 -7.30
CA THR F 19 6.40 -12.92 -8.39
C THR F 19 5.45 -13.46 -9.45
N LEU F 20 5.83 -13.31 -10.71
CA LEU F 20 5.04 -13.79 -11.83
C LEU F 20 5.46 -15.21 -12.18
N VAL F 21 4.55 -16.16 -12.02
CA VAL F 21 4.84 -17.59 -12.18
C VAL F 21 4.06 -18.10 -13.38
N ASP F 22 4.76 -18.78 -14.28
CA ASP F 22 4.10 -19.40 -15.43
C ASP F 22 3.20 -20.55 -14.96
N ILE F 23 2.01 -20.63 -15.55
CA ILE F 23 1.02 -21.61 -15.08
C ILE F 23 1.47 -23.02 -15.43
N PHE F 24 2.02 -23.23 -16.63
CA PHE F 24 2.44 -24.57 -17.03
C PHE F 24 3.37 -25.19 -16.00
N GLN F 25 4.26 -24.39 -15.40
CA GLN F 25 5.22 -24.92 -14.44
C GLN F 25 4.57 -25.28 -13.12
N GLU F 26 3.39 -24.72 -12.82
CA GLU F 26 2.63 -25.12 -11.65
C GLU F 26 1.60 -26.19 -11.97
N TYR F 27 1.24 -26.36 -13.23
CA TYR F 27 0.33 -27.41 -13.68
C TYR F 27 0.91 -28.10 -14.90
N PRO F 28 2.08 -28.73 -14.76
CA PRO F 28 2.70 -29.39 -15.92
C PRO F 28 1.86 -30.51 -16.49
N ASP F 29 0.90 -31.04 -15.74
CA ASP F 29 0.02 -32.08 -16.26
C ASP F 29 -0.99 -31.50 -17.24
N GLU F 30 -1.41 -30.26 -17.04
CA GLU F 30 -2.38 -29.61 -17.93
C GLU F 30 -1.69 -28.97 -19.12
N ILE F 31 -0.77 -29.71 -19.75
CA ILE F 31 -0.07 -29.19 -20.92
C ILE F 31 -0.94 -29.21 -22.16
N GLU F 32 -2.10 -29.85 -22.11
CA GLU F 32 -3.03 -29.90 -23.23
C GLU F 32 -3.83 -28.61 -23.38
N TYR F 33 -3.55 -27.59 -22.58
CA TYR F 33 -4.34 -26.37 -22.55
C TYR F 33 -3.47 -25.16 -22.86
N ILE F 34 -4.14 -24.02 -23.01
CA ILE F 34 -3.51 -22.71 -23.11
C ILE F 34 -4.25 -21.77 -22.18
N PHE F 35 -3.50 -20.98 -21.41
CA PHE F 35 -4.08 -20.19 -20.34
C PHE F 35 -3.88 -18.69 -20.61
N LYS F 36 -4.92 -17.92 -20.29
CA LYS F 36 -4.86 -16.46 -20.35
C LYS F 36 -5.35 -15.94 -19.00
N PRO F 37 -4.51 -15.24 -18.22
CA PRO F 37 -3.10 -14.97 -18.49
C PRO F 37 -2.25 -16.22 -18.32
N SER F 38 -1.20 -16.36 -19.13
CA SER F 38 -0.30 -17.50 -18.98
C SER F 38 0.54 -17.40 -17.71
N CYS F 39 0.61 -16.20 -17.11
CA CYS F 39 1.38 -15.96 -15.91
C CYS F 39 0.47 -15.35 -14.86
N VAL F 40 0.67 -15.74 -13.60
CA VAL F 40 -0.15 -15.23 -12.50
C VAL F 40 0.74 -14.63 -11.41
N PRO F 41 0.26 -13.64 -10.66
CA PRO F 41 1.10 -13.05 -9.61
C PRO F 41 0.91 -13.75 -8.28
N LEU F 42 1.99 -14.28 -7.71
CA LEU F 42 1.95 -15.05 -6.48
C LEU F 42 3.02 -14.57 -5.52
N MET F 43 2.66 -14.47 -4.25
CA MET F 43 3.63 -14.17 -3.20
C MET F 43 4.54 -15.37 -3.03
N ARG F 44 5.82 -15.20 -3.37
CA ARG F 44 6.80 -16.26 -3.26
C ARG F 44 8.03 -15.76 -2.52
N CYS F 45 8.68 -16.67 -1.80
CA CYS F 45 9.88 -16.31 -1.06
C CYS F 45 11.02 -15.99 -2.02
N GLY F 46 11.66 -14.85 -1.80
CA GLY F 46 12.83 -14.47 -2.56
C GLY F 46 13.69 -13.55 -1.72
N GLY F 47 14.92 -13.36 -2.18
CA GLY F 47 15.86 -12.48 -1.52
C GLY F 47 17.06 -13.23 -0.97
N CYS F 48 17.96 -12.47 -0.39
CA CYS F 48 19.26 -12.95 0.03
C CYS F 48 19.32 -13.06 1.55
N CYS F 49 20.27 -13.86 2.03
CA CYS F 49 20.43 -14.15 3.44
C CYS F 49 21.72 -13.53 3.97
N ASN F 50 21.93 -13.67 5.27
CA ASN F 50 23.12 -13.12 5.92
C ASN F 50 24.37 -13.95 5.69
N ASP F 51 24.25 -15.13 5.07
CA ASP F 51 25.40 -15.96 4.78
C ASP F 51 25.09 -16.82 3.55
N GLU F 52 26.14 -17.17 2.81
CA GLU F 52 25.97 -18.02 1.64
C GLU F 52 25.49 -19.42 1.99
N GLY F 53 25.77 -19.88 3.22
CA GLY F 53 25.31 -21.17 3.67
C GLY F 53 23.86 -21.23 4.07
N LEU F 54 23.11 -20.15 3.87
CA LEU F 54 21.70 -20.10 4.20
C LEU F 54 20.89 -19.82 2.93
N GLU F 55 19.64 -20.26 2.94
CA GLU F 55 18.75 -20.10 1.78
C GLU F 55 17.38 -19.65 2.26
N CYS F 56 16.74 -18.81 1.44
CA CYS F 56 15.41 -18.29 1.74
C CYS F 56 14.36 -19.33 1.35
N VAL F 57 13.64 -19.85 2.34
CA VAL F 57 12.66 -20.90 2.12
C VAL F 57 11.35 -20.53 2.82
N PRO F 58 10.20 -21.02 2.35
CA PRO F 58 8.93 -20.72 3.02
C PRO F 58 8.77 -21.54 4.30
N THR F 59 8.18 -20.90 5.32
CA THR F 59 7.91 -21.54 6.59
C THR F 59 6.45 -21.85 6.81
N GLU F 60 5.54 -21.05 6.25
CA GLU F 60 4.11 -21.38 6.26
C GLU F 60 3.52 -20.96 4.92
N GLU F 61 2.78 -21.87 4.30
CA GLU F 61 2.25 -21.69 2.96
C GLU F 61 0.73 -21.52 3.02
N SER F 62 0.14 -21.27 1.86
CA SER F 62 -1.30 -21.05 1.77
C SER F 62 -1.73 -21.24 0.32
N ASN F 63 -3.02 -21.48 0.14
CA ASN F 63 -3.61 -21.61 -1.18
C ASN F 63 -4.38 -20.35 -1.55
N ILE F 64 -4.40 -20.05 -2.84
CA ILE F 64 -5.16 -18.93 -3.38
C ILE F 64 -5.80 -19.38 -4.69
N THR F 65 -7.06 -19.01 -4.89
CA THR F 65 -7.83 -19.42 -6.06
C THR F 65 -8.04 -18.21 -6.97
N MET F 66 -7.81 -18.40 -8.26
CA MET F 66 -7.88 -17.32 -9.23
C MET F 66 -8.65 -17.79 -10.47
N GLN F 67 -9.40 -16.87 -11.06
CA GLN F 67 -10.12 -17.14 -12.29
C GLN F 67 -9.17 -17.03 -13.47
N ILE F 68 -9.07 -18.10 -14.26
CA ILE F 68 -8.18 -18.15 -15.41
C ILE F 68 -8.98 -18.60 -16.63
N MET F 69 -8.65 -18.04 -17.79
CA MET F 69 -9.23 -18.48 -19.05
C MET F 69 -8.51 -19.74 -19.50
N ARG F 70 -9.22 -20.87 -19.48
CA ARG F 70 -8.67 -22.16 -19.91
C ARG F 70 -9.12 -22.42 -21.34
N ILE F 71 -8.15 -22.57 -22.24
CA ILE F 71 -8.41 -22.75 -23.66
C ILE F 71 -7.90 -24.12 -24.07
N LYS F 72 -8.77 -24.92 -24.67
CA LYS F 72 -8.39 -26.21 -25.22
C LYS F 72 -8.45 -26.13 -26.74
N PRO F 73 -7.37 -26.43 -27.48
CA PRO F 73 -7.39 -26.21 -28.93
C PRO F 73 -8.56 -26.86 -29.65
N HIS F 74 -9.38 -26.03 -30.30
CA HIS F 74 -10.46 -26.46 -31.18
C HIS F 74 -11.57 -27.23 -30.46
N GLN F 75 -11.57 -27.24 -29.13
CA GLN F 75 -12.62 -27.89 -28.35
C GLN F 75 -13.49 -26.92 -27.58
N GLY F 76 -12.91 -25.87 -27.00
CA GLY F 76 -13.68 -24.91 -26.24
C GLY F 76 -12.76 -24.05 -25.40
N GLN F 77 -13.39 -23.24 -24.55
CA GLN F 77 -12.66 -22.31 -23.70
C GLN F 77 -13.62 -21.62 -22.75
N HIS F 78 -13.20 -21.45 -21.50
CA HIS F 78 -14.06 -20.87 -20.48
C HIS F 78 -13.20 -20.36 -19.33
N ILE F 79 -13.75 -19.41 -18.58
CA ILE F 79 -13.12 -18.97 -17.34
C ILE F 79 -13.32 -20.06 -16.29
N GLY F 80 -12.22 -20.53 -15.71
CA GLY F 80 -12.29 -21.56 -14.69
C GLY F 80 -11.41 -21.22 -13.52
N GLU F 81 -11.82 -21.70 -12.34
CA GLU F 81 -11.04 -21.49 -11.13
C GLU F 81 -9.82 -22.40 -11.12
N MET F 82 -8.69 -21.84 -10.69
CA MET F 82 -7.46 -22.61 -10.52
C MET F 82 -6.81 -22.17 -9.22
N SER F 83 -6.35 -23.15 -8.44
CA SER F 83 -5.73 -22.89 -7.15
C SER F 83 -4.21 -22.87 -7.32
N PHE F 84 -3.57 -22.01 -6.53
CA PHE F 84 -2.12 -21.86 -6.58
C PHE F 84 -1.56 -21.78 -5.17
N LEU F 85 -0.30 -22.20 -5.04
CA LEU F 85 0.38 -22.22 -3.76
C LEU F 85 1.14 -20.91 -3.58
N GLN F 86 0.90 -20.24 -2.45
CA GLN F 86 1.59 -19.01 -2.13
C GLN F 86 2.30 -19.13 -0.79
N HIS F 87 3.29 -18.27 -0.58
CA HIS F 87 4.12 -18.27 0.61
C HIS F 87 3.76 -17.07 1.47
N ASN F 88 3.49 -17.32 2.75
CA ASN F 88 3.12 -16.27 3.69
C ASN F 88 4.27 -15.86 4.61
N LYS F 89 5.16 -16.79 4.96
CA LYS F 89 6.33 -16.50 5.77
C LYS F 89 7.56 -17.14 5.13
N CYS F 90 8.69 -16.45 5.27
CA CYS F 90 9.96 -16.94 4.76
C CYS F 90 11.00 -16.88 5.86
N GLU F 91 12.02 -17.73 5.75
CA GLU F 91 13.11 -17.74 6.71
C GLU F 91 14.38 -18.23 6.02
N CYS F 92 15.52 -17.74 6.50
CA CYS F 92 16.82 -18.20 6.04
C CYS F 92 17.21 -19.42 6.85
N ARG F 93 17.49 -20.53 6.18
CA ARG F 93 17.82 -21.78 6.83
C ARG F 93 18.96 -22.45 6.08
N PRO F 94 19.76 -23.27 6.76
CA PRO F 94 20.94 -23.84 6.10
C PRO F 94 20.58 -24.79 4.98
N LYS F 95 21.43 -24.80 3.96
CA LYS F 95 21.23 -25.64 2.78
C LYS F 95 21.59 -27.10 3.09
#